data_8FVI
#
_entry.id   8FVI
#
_cell.length_a   1.00
_cell.length_b   1.00
_cell.length_c   1.00
_cell.angle_alpha   90.00
_cell.angle_beta   90.00
_cell.angle_gamma   90.00
#
_symmetry.space_group_name_H-M   'P 1'
#
loop_
_entity.id
_entity.type
_entity.pdbx_description
1 polymer 'Core-binding factor subunit beta'
2 polymer 'Virion infectivity factor'
3 polymer 'DNA dC->dU-editing enzyme APOBEC-3H'
4 polymer "RNA(5'-R(AP*UP*UP*UP*UP*UP*UP*UP*UP*U)-3')"
5 polymer "RNA(5'-R(*AP*AP*AP*AP*AP*AP*AP*AP*A)-3')"
6 polymer 'Cullin 5'
7 polymer Elongin-B
8 polymer Elongin-C
9 non-polymer 'ZINC ION'
10 water water
#
loop_
_entity_poly.entity_id
_entity_poly.type
_entity_poly.pdbx_seq_one_letter_code
_entity_poly.pdbx_strand_id
1 'polypeptide(L)'
;MPRVVPDQRSKFENEEFFRKLSRECEIKYTGFRDRPHEERQARFQNACRDGRSEIAFVATGTNLSLQFFPASWQGEQRQT
PSREYVDLEREAGKVYLKAPMILNGVCVIWKGWIDLQRLDGMGCLEFDEERAQQEDALAQQAFEEARRRTREFEDRD
;
0
2 'polypeptide(L)'
;GPMENRWQVMIVWQVDRMRINTWKRLVKHHMYISRKAKDWFYRHHYESTHPKISSEVHIPLGDAKLVITTYWGLHTGERD
WHLGQGVSIEWRKKRYSTQVDPDLADQLIHLHYFDCFSESAIRNTILGRIVSPRCEYQAGHNKVGSLQYLALAALIKPKQ
IKPPLPSVRKLTEDRWNK
;
1
3 'polypeptide(L)'
;GPGGSGGMALLTAETFRLQFNNKRRLRRPYYPRKALLCYQLTPQNGSTPTRGYFENKKKCHAEICFINEIKSMGLDETQC
YQVTCYLTWSPCSSCAWELVDFIQAHDHLNLRIFASRLYYHWCKPQQDGLRLLCGSQVPVEVMGFPEFADCWENFVDHEK
PLSFNPYKMLEELDKNSRAIKRRLDRIKS
;
A
4 'polyribonucleotide' AUUUUUUUUU B
5 'polyribonucleotide' AAAAAAAAA C
6 'polypeptide(L)'
;GPAGSSLQFEDKWDFMRPIVLKLLRQESVTKQQWFDLFSDVHAVCLWDDKGPAKIHQALKEDILEFIKQAQARVLSHQDD
TALLKAYIVEWRKFFTQCDILPKPFCQLEITLMGKQGSNKKSNVEDSIVRKLMLDTWNESIFSNIKNRLQDSAMKLVHAE
RLGEAFDSQLVIGVRESYVNLCSNPEDKLQIYRDNFEKAYLDSTERFYRTQAPSYLQQNGVQNYMKYADAKLKEEEKRAL
RYLETRRECNSVEALMECCVNALVTSFKETILAECQGMIKRNETEKLHLMFSLMDKVPNGIEPMLKDLEEHIIS
;
x
7 'polypeptide(L)'
;MDVFLMIRRHKTTIFTDAKESSTVFELKRIVEGILKRPPDEQRLYKDDQLLDDGKTLGECGFTSQTARPQAPATVGLAFR
ADDTFEALCIEPFSSPPELPDV
;
y
8 'polypeptide(L)'
;MYVKLISSDGHEFIVKREHALTSGTIKAMLSGPGQFAENETNEVNFREIPSHVLSKVCMYFTYKVRYTNSSTEIPEFPIA
PEIALELLMAANFLDC
;
z
#
# COMPACT_ATOMS: atom_id res chain seq x y z
N ASP A 7 2.93 12.59 11.26
CA ASP A 7 1.79 13.11 10.53
C ASP A 7 0.50 12.42 10.97
N GLN A 8 0.62 11.55 11.98
CA GLN A 8 -0.55 10.85 12.49
C GLN A 8 -1.58 11.81 13.07
N ARG A 9 -1.11 12.82 13.81
CA ARG A 9 -2.02 13.77 14.43
C ARG A 9 -2.81 14.54 13.38
N SER A 10 -2.16 14.95 12.29
CA SER A 10 -2.86 15.70 11.26
C SER A 10 -3.77 14.82 10.42
N LYS A 11 -3.46 13.52 10.30
CA LYS A 11 -4.19 12.65 9.37
C LYS A 11 -5.67 12.56 9.72
N PHE A 12 -6.02 12.74 10.99
CA PHE A 12 -7.42 12.63 11.39
C PHE A 12 -8.28 13.72 10.77
N GLU A 13 -7.73 14.93 10.63
CA GLU A 13 -8.55 16.11 10.35
C GLU A 13 -8.93 16.27 8.89
N ASN A 14 -8.28 15.57 7.97
CA ASN A 14 -8.59 15.76 6.55
C ASN A 14 -9.07 14.51 5.85
N GLU A 15 -8.52 13.35 6.17
CA GLU A 15 -8.87 12.12 5.44
C GLU A 15 -10.34 11.78 5.66
N GLU A 16 -11.05 11.54 4.54
CA GLU A 16 -12.51 11.48 4.57
C GLU A 16 -13.02 10.31 5.40
N PHE A 17 -12.25 9.23 5.50
CA PHE A 17 -12.69 8.06 6.26
C PHE A 17 -12.98 8.43 7.72
N PHE A 18 -12.07 9.18 8.33
CA PHE A 18 -12.26 9.60 9.71
C PHE A 18 -13.30 10.71 9.84
N ARG A 19 -13.43 11.56 8.81
CA ARG A 19 -14.48 12.58 8.84
C ARG A 19 -15.86 11.94 8.85
N LYS A 20 -16.06 10.90 8.04
CA LYS A 20 -17.34 10.20 8.03
C LYS A 20 -17.51 9.29 9.24
N LEU A 21 -16.41 8.76 9.79
CA LEU A 21 -16.53 7.92 10.97
C LEU A 21 -16.76 8.75 12.23
N SER A 22 -16.10 9.90 12.36
CA SER A 22 -16.19 10.73 13.55
C SER A 22 -17.15 11.89 13.28
N ARG A 23 -18.45 11.58 13.36
CA ARG A 23 -19.47 12.61 13.19
C ARG A 23 -20.65 12.39 14.13
N GLU A 24 -20.40 11.83 15.32
CA GLU A 24 -21.45 11.51 16.29
C GLU A 24 -22.54 10.66 15.65
N CYS A 25 -22.12 9.55 15.04
CA CYS A 25 -23.05 8.69 14.33
C CYS A 25 -23.94 7.94 15.31
N GLU A 26 -25.19 7.73 14.90
CA GLU A 26 -26.12 6.92 15.67
C GLU A 26 -25.71 5.45 15.61
N ILE A 27 -25.68 4.78 16.76
CA ILE A 27 -25.30 3.39 16.84
C ILE A 27 -26.41 2.60 17.52
N LYS A 28 -26.85 1.54 16.86
CA LYS A 28 -27.93 0.68 17.34
C LYS A 28 -27.37 -0.72 17.57
N TYR A 29 -27.66 -1.29 18.73
CA TYR A 29 -27.22 -2.64 19.02
C TYR A 29 -27.97 -3.63 18.14
N THR A 30 -27.24 -4.57 17.55
CA THR A 30 -27.83 -5.65 16.77
C THR A 30 -27.72 -6.95 17.55
N GLY A 31 -28.74 -7.79 17.43
CA GLY A 31 -28.84 -8.94 18.31
C GLY A 31 -30.14 -9.70 18.22
N PHE A 32 -30.80 -9.84 19.36
CA PHE A 32 -31.97 -10.71 19.53
C PHE A 32 -33.28 -9.99 19.24
N ARG A 33 -33.27 -9.03 18.30
CA ARG A 33 -34.45 -8.22 18.01
C ARG A 33 -35.73 -9.03 17.87
N ASP A 34 -35.60 -10.32 17.52
CA ASP A 34 -36.78 -11.18 17.49
C ASP A 34 -37.40 -11.33 18.88
N ARG A 35 -36.57 -11.36 19.92
CA ARG A 35 -37.07 -11.49 21.28
C ARG A 35 -37.79 -10.22 21.70
N PRO A 36 -38.66 -10.31 22.71
CA PRO A 36 -39.36 -9.12 23.20
C PRO A 36 -38.39 -8.04 23.66
N HIS A 37 -38.80 -6.79 23.48
CA HIS A 37 -37.89 -5.66 23.71
C HIS A 37 -37.42 -5.62 25.17
N GLU A 38 -38.33 -5.82 26.12
CA GLU A 38 -37.92 -5.85 27.52
C GLU A 38 -36.97 -7.01 27.79
N GLU A 39 -37.33 -8.20 27.30
CA GLU A 39 -36.44 -9.34 27.44
C GLU A 39 -35.13 -9.11 26.70
N ARG A 40 -35.19 -8.50 25.51
CA ARG A 40 -33.98 -8.28 24.72
C ARG A 40 -33.02 -7.33 25.43
N GLN A 41 -33.55 -6.23 25.99
CA GLN A 41 -32.68 -5.34 26.75
C GLN A 41 -32.19 -6.01 28.02
N ALA A 42 -32.95 -6.95 28.58
CA ALA A 42 -32.44 -7.76 29.68
C ALA A 42 -31.24 -8.60 29.25
N ARG A 43 -31.31 -9.22 28.07
CA ARG A 43 -30.16 -9.98 27.58
C ARG A 43 -28.97 -9.09 27.33
N PHE A 44 -29.21 -7.90 26.76
CA PHE A 44 -28.10 -6.97 26.56
C PHE A 44 -27.47 -6.57 27.89
N GLN A 45 -28.30 -6.29 28.90
CA GLN A 45 -27.77 -5.89 30.20
C GLN A 45 -26.95 -7.02 30.84
N ASN A 46 -27.44 -8.25 30.78
CA ASN A 46 -26.69 -9.35 31.39
C ASN A 46 -25.49 -9.78 30.55
N ALA A 47 -25.48 -9.44 29.25
CA ALA A 47 -24.28 -9.66 28.45
C ALA A 47 -23.22 -8.63 28.78
N CYS A 48 -23.61 -7.38 29.01
CA CYS A 48 -22.67 -6.36 29.45
C CYS A 48 -22.25 -6.57 30.90
N ARG A 49 -23.05 -7.27 31.70
CA ARG A 49 -22.71 -7.50 33.10
C ARG A 49 -21.47 -8.38 33.23
N ASP A 50 -21.47 -9.51 32.54
CA ASP A 50 -20.33 -10.43 32.54
C ASP A 50 -19.82 -10.56 31.11
N GLY A 51 -18.54 -10.23 30.92
CA GLY A 51 -17.96 -10.23 29.59
C GLY A 51 -17.68 -11.62 29.07
N ARG A 52 -18.73 -12.38 28.77
CA ARG A 52 -18.61 -13.71 28.20
C ARG A 52 -19.52 -13.86 26.99
N SER A 53 -19.67 -12.79 26.23
CA SER A 53 -20.42 -12.81 24.99
C SER A 53 -19.88 -11.71 24.08
N GLU A 54 -20.43 -11.61 22.88
CA GLU A 54 -20.03 -10.59 21.93
C GLU A 54 -21.20 -9.65 21.69
N ILE A 55 -20.88 -8.37 21.44
CA ILE A 55 -21.90 -7.37 21.19
C ILE A 55 -21.47 -6.50 20.02
N ALA A 56 -22.40 -6.28 19.09
CA ALA A 56 -22.11 -5.60 17.84
C ALA A 56 -23.01 -4.38 17.66
N PHE A 57 -22.41 -3.28 17.23
CA PHE A 57 -23.13 -2.04 16.95
C PHE A 57 -23.02 -1.74 15.46
N VAL A 58 -24.17 -1.51 14.81
CA VAL A 58 -24.24 -1.52 13.35
C VAL A 58 -24.10 -0.14 12.72
N ALA A 59 -23.96 0.91 13.52
CA ALA A 59 -23.76 2.28 13.06
C ALA A 59 -24.96 2.86 12.33
N THR A 60 -26.08 2.14 12.25
CA THR A 60 -27.36 2.65 11.78
C THR A 60 -27.26 3.19 10.35
N GLY A 61 -27.04 2.26 9.42
CA GLY A 61 -27.14 2.61 8.01
C GLY A 61 -26.11 1.97 7.10
N THR A 62 -24.99 1.52 7.67
CA THR A 62 -23.92 0.92 6.91
C THR A 62 -23.62 -0.46 7.47
N ASN A 63 -22.94 -1.28 6.65
CA ASN A 63 -22.58 -2.62 7.10
C ASN A 63 -21.47 -2.60 8.14
N LEU A 64 -20.75 -1.49 8.29
CA LEU A 64 -19.70 -1.41 9.30
C LEU A 64 -20.30 -1.60 10.69
N SER A 65 -19.67 -2.46 11.48
CA SER A 65 -20.13 -2.73 12.84
C SER A 65 -18.93 -2.83 13.76
N LEU A 66 -19.09 -2.33 14.97
CA LEU A 66 -18.09 -2.47 16.02
C LEU A 66 -18.43 -3.71 16.83
N GLN A 67 -17.49 -4.65 16.91
CA GLN A 67 -17.69 -5.93 17.55
C GLN A 67 -16.82 -6.02 18.79
N PHE A 68 -17.45 -6.32 19.92
CA PHE A 68 -16.76 -6.54 21.19
C PHE A 68 -16.82 -8.03 21.48
N PHE A 69 -15.65 -8.67 21.49
CA PHE A 69 -15.43 -10.07 21.85
C PHE A 69 -14.76 -10.13 23.21
N PRO A 70 -15.01 -11.17 24.00
CA PRO A 70 -14.28 -11.33 25.26
C PRO A 70 -12.81 -11.55 25.00
N ALA A 71 -11.98 -11.16 25.96
CA ALA A 71 -10.53 -11.26 25.78
C ALA A 71 -10.10 -12.70 25.56
N SER A 72 -10.64 -13.64 26.34
CA SER A 72 -10.24 -15.03 26.27
C SER A 72 -11.00 -15.79 25.19
N TRP A 73 -10.96 -15.27 23.97
CA TRP A 73 -11.49 -15.98 22.80
C TRP A 73 -10.46 -16.13 21.68
N GLN A 74 -9.42 -15.31 21.65
CA GLN A 74 -8.32 -15.41 20.69
C GLN A 74 -7.00 -15.49 21.45
N GLY A 75 -6.98 -16.31 22.49
CA GLY A 75 -5.80 -16.37 23.32
C GLY A 75 -5.81 -15.19 24.26
N GLU A 76 -5.11 -15.32 25.39
CA GLU A 76 -5.02 -14.22 26.33
C GLU A 76 -4.45 -13.00 25.63
N GLN A 77 -3.47 -13.21 24.76
CA GLN A 77 -2.87 -12.10 24.05
C GLN A 77 -3.70 -11.68 22.84
N TYR A 85 -7.60 0.94 27.48
CA TYR A 85 -8.50 0.00 28.12
C TYR A 85 -9.88 0.05 27.49
N VAL A 86 -10.60 -1.07 27.55
CA VAL A 86 -11.95 -1.19 27.00
C VAL A 86 -12.92 -1.32 28.16
N ASP A 87 -13.98 -0.50 28.14
CA ASP A 87 -15.00 -0.49 29.18
C ASP A 87 -16.33 -0.94 28.59
N LEU A 88 -17.35 -0.93 29.44
CA LEU A 88 -18.71 -1.23 29.03
C LEU A 88 -19.72 -0.66 30.03
N VAL A 95 -22.17 4.21 29.63
CA VAL A 95 -21.64 5.50 29.20
C VAL A 95 -20.14 5.39 28.96
N TYR A 96 -19.56 4.27 29.37
CA TYR A 96 -18.13 4.00 29.18
C TYR A 96 -18.02 2.92 28.10
N LEU A 97 -17.96 3.37 26.84
CA LEU A 97 -17.83 2.46 25.70
C LEU A 97 -16.50 2.67 24.99
N LYS A 98 -15.46 2.99 25.73
CA LYS A 98 -14.17 3.29 25.14
C LYS A 98 -13.62 2.06 24.41
N ALA A 99 -13.23 2.25 23.15
CA ALA A 99 -12.71 1.18 22.31
C ALA A 99 -11.45 1.65 21.60
N PRO A 100 -10.29 1.49 22.21
CA PRO A 100 -9.04 1.89 21.54
C PRO A 100 -8.64 0.87 20.48
N MET A 101 -8.29 1.36 19.30
CA MET A 101 -7.80 0.49 18.24
C MET A 101 -6.83 1.27 17.37
N ILE A 102 -6.29 0.60 16.36
CA ILE A 102 -5.38 1.20 15.39
C ILE A 102 -6.07 1.07 14.03
N LEU A 103 -6.69 2.16 13.57
CA LEU A 103 -7.46 2.13 12.35
C LEU A 103 -6.67 2.79 11.23
N ASN A 104 -6.54 2.10 10.10
CA ASN A 104 -5.88 2.61 8.91
C ASN A 104 -4.47 3.10 9.18
N GLY A 105 -3.85 2.67 10.27
CA GLY A 105 -2.50 3.06 10.61
C GLY A 105 -2.37 4.10 11.70
N VAL A 106 -3.47 4.73 12.11
CA VAL A 106 -3.44 5.76 13.13
C VAL A 106 -4.25 5.28 14.33
N CYS A 107 -3.75 5.55 15.53
CA CYS A 107 -4.41 5.10 16.74
C CYS A 107 -5.64 5.98 17.01
N VAL A 108 -6.79 5.33 17.22
CA VAL A 108 -8.05 6.02 17.46
C VAL A 108 -8.76 5.36 18.63
N ILE A 109 -9.75 6.05 19.17
CA ILE A 109 -10.61 5.51 20.22
C ILE A 109 -12.06 5.74 19.79
N TRP A 110 -12.79 4.65 19.58
CA TRP A 110 -14.22 4.74 19.32
C TRP A 110 -14.94 4.86 20.65
N LYS A 111 -15.54 6.03 20.90
CA LYS A 111 -16.18 6.32 22.16
C LYS A 111 -17.64 6.70 21.92
N GLY A 112 -18.51 6.22 22.78
CA GLY A 112 -19.92 6.55 22.65
C GLY A 112 -20.69 6.08 23.86
N TRP A 113 -22.00 6.23 23.77
CA TRP A 113 -22.90 5.75 24.81
C TRP A 113 -24.07 5.05 24.15
N ILE A 114 -24.22 3.76 24.45
CA ILE A 114 -25.43 3.01 24.14
C ILE A 114 -25.98 2.27 25.34
N ASP A 115 -25.16 1.93 26.33
CA ASP A 115 -25.61 1.14 27.47
C ASP A 115 -26.43 1.93 28.48
N LEU A 116 -26.22 3.26 28.56
CA LEU A 116 -27.05 4.05 29.47
C LEU A 116 -28.49 4.10 29.00
N GLN A 117 -28.71 4.10 27.69
CA GLN A 117 -30.05 4.02 27.14
C GLN A 117 -30.47 2.55 27.03
N ARG A 118 -31.68 2.32 26.54
CA ARG A 118 -32.19 0.96 26.41
C ARG A 118 -31.37 0.15 25.41
N LEU A 119 -31.46 0.49 24.12
CA LEU A 119 -30.74 -0.28 23.11
C LEU A 119 -30.22 0.56 21.94
N ASP A 120 -30.01 1.85 22.11
CA ASP A 120 -29.62 2.72 21.01
C ASP A 120 -28.93 3.93 21.58
N GLY A 121 -28.08 4.56 20.77
CA GLY A 121 -27.39 5.74 21.24
C GLY A 121 -26.42 6.38 20.26
N MET A 122 -25.38 7.02 20.80
CA MET A 122 -24.47 7.81 19.99
C MET A 122 -23.07 7.22 20.05
N GLY A 123 -22.26 7.52 19.04
CA GLY A 123 -20.89 7.06 19.02
C GLY A 123 -20.05 7.73 17.95
N CYS A 124 -18.81 8.06 18.28
CA CYS A 124 -17.92 8.76 17.37
C CYS A 124 -16.49 8.31 17.65
N LEU A 125 -15.53 9.01 17.05
CA LEU A 125 -14.12 8.71 17.19
C LEU A 125 -13.39 9.88 17.82
N GLU A 126 -12.33 9.56 18.56
CA GLU A 126 -11.44 10.57 19.11
C GLU A 126 -10.00 10.10 18.90
N PHE A 127 -9.08 11.05 18.87
CA PHE A 127 -7.69 10.70 18.64
C PHE A 127 -7.09 10.03 19.86
N ASP A 128 -6.25 9.02 19.61
CA ASP A 128 -5.53 8.32 20.68
C ASP A 128 -4.07 8.79 20.66
N GLU A 129 -3.84 9.96 21.28
CA GLU A 129 -2.48 10.49 21.34
C GLU A 129 -1.57 9.61 22.17
N GLU A 130 -2.07 9.07 23.28
CA GLU A 130 -1.26 8.22 24.14
C GLU A 130 -0.83 6.95 23.40
N ARG A 131 -1.78 6.32 22.71
CA ARG A 131 -1.44 5.13 21.93
C ARG A 131 -0.58 5.48 20.72
N ALA A 132 -0.77 6.66 20.15
CA ALA A 132 0.09 7.09 19.05
C ALA A 132 1.53 7.23 19.50
N GLN A 133 1.75 7.80 20.70
CA GLN A 133 3.11 7.95 21.20
C GLN A 133 3.68 6.61 21.65
N GLN A 134 2.86 5.76 22.25
CA GLN A 134 3.33 4.49 22.76
C GLN A 134 3.53 3.44 21.69
N GLU A 135 2.97 3.65 20.50
CA GLU A 135 3.08 2.66 19.43
C GLU A 135 4.52 2.60 18.91
N ASP A 136 4.90 1.42 18.45
CA ASP A 136 6.21 1.23 17.86
C ASP A 136 6.33 1.97 16.53
N ALA A 137 7.57 2.34 16.18
CA ALA A 137 7.80 3.23 15.05
C ALA A 137 8.09 2.49 13.75
N LEU A 138 8.92 1.46 13.80
CA LEU A 138 9.38 0.83 12.56
C LEU A 138 8.22 0.26 11.75
N ALA A 139 7.32 -0.48 12.42
CA ALA A 139 6.19 -1.06 11.71
C ALA A 139 5.23 0.02 11.23
N GLN A 140 5.07 1.10 11.99
CA GLN A 140 4.17 2.16 11.56
C GLN A 140 4.67 2.81 10.27
N GLN A 141 5.96 3.18 10.22
CA GLN A 141 6.50 3.72 8.98
C GLN A 141 6.53 2.68 7.86
N ALA A 142 6.69 1.40 8.19
CA ALA A 142 6.61 0.37 7.15
C ALA A 142 5.24 0.35 6.51
N PHE A 143 4.19 0.44 7.33
CA PHE A 143 2.84 0.52 6.77
C PHE A 143 2.64 1.81 6.00
N GLU A 144 3.24 2.91 6.48
CA GLU A 144 3.11 4.18 5.76
C GLU A 144 3.71 4.07 4.36
N GLU A 145 4.91 3.50 4.26
CA GLU A 145 5.52 3.30 2.95
C GLU A 145 4.71 2.35 2.09
N ALA A 146 4.15 1.29 2.70
CA ALA A 146 3.33 0.36 1.93
C ALA A 146 2.08 1.04 1.37
N ARG A 147 1.45 1.89 2.16
CA ARG A 147 0.21 2.54 1.73
C ARG A 147 0.49 3.63 0.71
N ARG A 148 1.52 4.44 0.94
CA ARG A 148 1.80 5.57 0.05
C ARG A 148 2.18 5.11 -1.35
N ARG A 149 3.02 4.08 -1.45
CA ARG A 149 3.53 3.65 -2.75
C ARG A 149 2.43 2.98 -3.56
N THR A 150 2.63 2.97 -4.88
CA THR A 150 1.68 2.40 -5.83
C THR A 150 2.37 1.34 -6.66
N ARG A 151 1.65 0.24 -6.90
CA ARG A 151 2.20 -0.85 -7.71
C ARG A 151 2.39 -0.43 -9.16
N GLU A 152 1.55 0.49 -9.65
CA GLU A 152 1.55 0.83 -11.06
C GLU A 152 2.92 1.31 -11.54
N PHE A 153 3.34 0.78 -12.69
CA PHE A 153 4.59 1.18 -13.34
C PHE A 153 5.79 1.03 -12.41
N GLU A 154 5.76 0.00 -11.55
CA GLU A 154 6.87 -0.27 -10.64
C GLU A 154 7.72 -1.45 -11.05
N ASP A 155 7.13 -2.46 -11.68
CA ASP A 155 7.91 -3.60 -12.14
C ASP A 155 8.84 -3.19 -13.27
N ARG A 156 10.11 -3.58 -13.17
CA ARG A 156 11.10 -3.19 -14.15
C ARG A 156 10.82 -3.87 -15.49
N ASP A 157 11.11 -3.14 -16.57
CA ASP A 157 10.92 -3.65 -17.92
C ASP A 157 11.83 -2.95 -18.91
N ASN B 5 -14.52 -7.17 33.47
CA ASN B 5 -14.37 -8.06 32.33
C ASN B 5 -13.52 -7.42 31.23
N ARG B 6 -12.65 -8.21 30.61
CA ARG B 6 -11.76 -7.73 29.57
C ARG B 6 -12.37 -8.00 28.20
N TRP B 7 -12.01 -7.14 27.24
CA TRP B 7 -12.61 -7.18 25.92
C TRP B 7 -11.54 -6.89 24.88
N GLN B 8 -11.82 -7.29 23.64
CA GLN B 8 -11.04 -6.83 22.49
C GLN B 8 -12.04 -6.33 21.46
N VAL B 9 -11.79 -5.14 20.92
CA VAL B 9 -12.73 -4.45 20.04
C VAL B 9 -12.17 -4.46 18.63
N MET B 10 -13.03 -4.74 17.66
CA MET B 10 -12.55 -4.79 16.28
C MET B 10 -13.74 -4.61 15.34
N ILE B 11 -13.43 -4.15 14.13
CA ILE B 11 -14.46 -3.76 13.18
C ILE B 11 -14.82 -4.96 12.30
N VAL B 12 -16.09 -5.32 12.28
CA VAL B 12 -16.61 -6.39 11.43
C VAL B 12 -17.61 -5.77 10.47
N TRP B 13 -17.45 -6.05 9.19
CA TRP B 13 -18.38 -5.59 8.16
C TRP B 13 -19.37 -6.72 7.88
N GLN B 14 -20.63 -6.49 8.24
CA GLN B 14 -21.63 -7.54 8.09
C GLN B 14 -21.88 -7.85 6.63
N VAL B 15 -21.81 -9.14 6.28
CA VAL B 15 -22.05 -9.61 4.92
C VAL B 15 -23.03 -10.78 5.01
N ASP B 16 -23.69 -11.06 3.89
CA ASP B 16 -24.62 -12.17 3.81
C ASP B 16 -23.89 -13.46 3.44
N ARG B 17 -24.65 -14.53 3.27
CA ARG B 17 -24.05 -15.84 3.01
C ARG B 17 -23.52 -15.94 1.58
N MET B 18 -24.27 -15.42 0.61
CA MET B 18 -23.88 -15.60 -0.79
C MET B 18 -22.54 -14.96 -1.08
N ARG B 19 -22.31 -13.74 -0.58
CA ARG B 19 -21.06 -13.04 -0.88
C ARG B 19 -19.87 -13.71 -0.20
N ILE B 20 -20.03 -14.13 1.06
CA ILE B 20 -18.94 -14.82 1.75
C ILE B 20 -18.60 -16.13 1.05
N ASN B 21 -19.63 -16.88 0.66
CA ASN B 21 -19.41 -18.13 -0.06
C ASN B 21 -18.70 -17.88 -1.40
N THR B 22 -19.11 -16.82 -2.11
CA THR B 22 -18.47 -16.51 -3.39
C THR B 22 -17.01 -16.14 -3.19
N TRP B 23 -16.71 -15.35 -2.16
CA TRP B 23 -15.31 -14.97 -1.91
C TRP B 23 -14.48 -16.19 -1.56
N LYS B 24 -15.00 -17.07 -0.72
CA LYS B 24 -14.26 -18.29 -0.36
C LYS B 24 -14.05 -19.17 -1.58
N ARG B 25 -15.07 -19.33 -2.42
CA ARG B 25 -14.92 -20.14 -3.62
C ARG B 25 -13.89 -19.55 -4.56
N LEU B 26 -13.89 -18.22 -4.73
CA LEU B 26 -12.94 -17.59 -5.63
C LEU B 26 -11.51 -17.71 -5.11
N VAL B 27 -11.31 -17.47 -3.82
CA VAL B 27 -9.95 -17.58 -3.28
C VAL B 27 -9.47 -19.02 -3.34
N LYS B 28 -10.36 -20.00 -3.11
CA LYS B 28 -9.96 -21.39 -3.25
C LYS B 28 -9.63 -21.75 -4.68
N HIS B 29 -10.40 -21.22 -5.64
CA HIS B 29 -10.14 -21.52 -7.04
C HIS B 29 -8.79 -20.96 -7.47
N HIS B 30 -8.49 -19.73 -7.06
CA HIS B 30 -7.23 -19.13 -7.50
C HIS B 30 -6.04 -19.59 -6.66
N MET B 31 -6.26 -20.19 -5.50
CA MET B 31 -5.17 -20.80 -4.75
C MET B 31 -4.69 -22.08 -5.43
N TYR B 32 -5.62 -22.93 -5.86
CA TYR B 32 -5.30 -24.27 -6.32
C TYR B 32 -5.55 -24.46 -7.81
N ILE B 33 -6.78 -24.24 -8.28
CA ILE B 33 -7.08 -24.50 -9.68
C ILE B 33 -6.27 -23.57 -10.58
N SER B 34 -6.23 -22.28 -10.23
CA SER B 34 -5.43 -21.32 -10.96
C SER B 34 -4.05 -21.22 -10.33
N ARG B 35 -3.28 -20.20 -10.72
CA ARG B 35 -1.92 -20.05 -10.23
C ARG B 35 -1.62 -18.68 -9.66
N LYS B 36 -2.58 -17.75 -9.68
CA LYS B 36 -2.29 -16.38 -9.26
C LYS B 36 -2.08 -16.28 -7.76
N ALA B 37 -2.80 -17.07 -6.97
CA ALA B 37 -2.81 -16.93 -5.51
C ALA B 37 -2.25 -18.18 -4.84
N LYS B 38 -1.14 -18.71 -5.35
CA LYS B 38 -0.52 -19.86 -4.69
C LYS B 38 0.18 -19.47 -3.40
N ASP B 39 0.70 -18.24 -3.31
CA ASP B 39 1.50 -17.83 -2.17
C ASP B 39 0.64 -17.51 -0.94
N TRP B 40 -0.67 -17.39 -1.10
CA TRP B 40 -1.54 -17.09 0.02
C TRP B 40 -1.61 -18.29 0.97
N PHE B 41 -2.35 -18.13 2.06
CA PHE B 41 -2.59 -19.20 3.03
C PHE B 41 -4.09 -19.33 3.25
N TYR B 42 -4.48 -20.23 4.16
CA TYR B 42 -5.89 -20.45 4.47
C TYR B 42 -5.98 -21.21 5.79
N ARG B 43 -6.82 -20.72 6.70
CA ARG B 43 -7.03 -21.33 8.01
C ARG B 43 -8.50 -21.70 8.12
N HIS B 44 -8.82 -22.99 7.98
CA HIS B 44 -10.20 -23.44 8.00
C HIS B 44 -10.82 -23.24 9.38
N HIS B 45 -12.11 -23.54 9.49
CA HIS B 45 -12.83 -23.28 10.74
C HIS B 45 -12.44 -24.24 11.85
N TYR B 46 -11.81 -25.37 11.52
CA TYR B 46 -11.41 -26.35 12.53
C TYR B 46 -9.97 -26.18 12.97
N GLU B 47 -9.21 -25.28 12.36
CA GLU B 47 -7.82 -25.04 12.72
C GLU B 47 -7.66 -23.89 13.70
N SER B 48 -8.74 -23.24 14.10
CA SER B 48 -8.70 -22.08 14.98
C SER B 48 -9.54 -22.35 16.22
N THR B 49 -9.07 -21.86 17.37
CA THR B 49 -9.79 -22.02 18.63
C THR B 49 -10.79 -20.91 18.90
N HIS B 50 -10.80 -19.86 18.09
CA HIS B 50 -11.78 -18.79 18.28
C HIS B 50 -13.17 -19.32 17.97
N PRO B 51 -14.13 -19.21 18.90
CA PRO B 51 -15.46 -19.81 18.66
C PRO B 51 -16.23 -19.20 17.51
N LYS B 52 -15.89 -17.98 17.07
CA LYS B 52 -16.67 -17.30 16.05
C LYS B 52 -16.01 -17.23 14.68
N ILE B 53 -14.73 -17.55 14.57
CA ILE B 53 -14.03 -17.43 13.30
C ILE B 53 -14.37 -18.63 12.43
N SER B 54 -14.86 -18.37 11.22
CA SER B 54 -15.15 -19.45 10.28
C SER B 54 -14.03 -19.66 9.28
N SER B 55 -13.25 -18.62 8.98
CA SER B 55 -12.16 -18.77 8.03
C SER B 55 -11.15 -17.64 8.23
N GLU B 56 -9.95 -17.86 7.72
CA GLU B 56 -8.88 -16.88 7.77
C GLU B 56 -8.02 -17.04 6.53
N VAL B 57 -7.94 -16.01 5.70
CA VAL B 57 -7.09 -16.02 4.52
C VAL B 57 -5.90 -15.10 4.80
N HIS B 58 -4.69 -15.64 4.71
CA HIS B 58 -3.47 -14.90 4.94
C HIS B 58 -2.81 -14.60 3.59
N ILE B 59 -2.47 -13.34 3.38
CA ILE B 59 -1.82 -12.87 2.15
C ILE B 59 -0.48 -12.26 2.54
N PRO B 60 0.62 -12.98 2.36
CA PRO B 60 1.93 -12.45 2.75
C PRO B 60 2.39 -11.36 1.79
N LEU B 61 2.64 -10.17 2.33
CA LEU B 61 3.16 -9.03 1.58
C LEU B 61 4.53 -8.70 2.15
N GLY B 62 5.59 -9.11 1.45
CA GLY B 62 6.94 -8.85 1.94
C GLY B 62 7.20 -9.56 3.26
N ASP B 63 7.60 -8.78 4.26
CA ASP B 63 7.80 -9.30 5.61
C ASP B 63 6.58 -9.13 6.50
N ALA B 64 5.48 -8.61 5.96
CA ALA B 64 4.22 -8.46 6.68
C ALA B 64 3.16 -9.33 6.01
N LYS B 65 1.93 -9.22 6.48
CA LYS B 65 0.85 -10.01 5.90
C LYS B 65 -0.48 -9.30 6.11
N LEU B 66 -1.47 -9.75 5.37
CA LEU B 66 -2.83 -9.23 5.43
C LEU B 66 -3.76 -10.40 5.75
N VAL B 67 -4.51 -10.28 6.84
CA VAL B 67 -5.37 -11.35 7.31
C VAL B 67 -6.82 -10.94 7.11
N ILE B 68 -7.57 -11.74 6.37
CA ILE B 68 -9.00 -11.53 6.15
C ILE B 68 -9.74 -12.63 6.89
N THR B 69 -10.51 -12.24 7.90
CA THR B 69 -11.19 -13.18 8.79
C THR B 69 -12.68 -13.16 8.53
N THR B 70 -13.29 -14.33 8.43
CA THR B 70 -14.72 -14.46 8.19
C THR B 70 -15.34 -15.20 9.36
N TYR B 71 -16.41 -14.63 9.91
CA TYR B 71 -16.92 -15.02 11.22
C TYR B 71 -18.19 -15.86 11.13
N TRP B 72 -18.53 -16.53 12.24
CA TRP B 72 -19.59 -17.55 12.28
C TRP B 72 -20.92 -17.03 12.82
N GLY B 73 -20.93 -16.63 14.09
CA GLY B 73 -22.18 -16.57 14.85
C GLY B 73 -22.54 -15.19 15.37
N LEU B 74 -22.35 -14.18 14.54
CA LEU B 74 -22.69 -12.81 14.89
C LEU B 74 -24.20 -12.64 14.71
N HIS B 75 -24.67 -11.39 14.73
CA HIS B 75 -26.10 -11.11 14.65
C HIS B 75 -26.41 -10.19 13.48
N THR B 76 -27.59 -10.38 12.90
CA THR B 76 -28.09 -9.55 11.79
C THR B 76 -27.09 -9.47 10.65
N GLY B 84 -25.70 -14.58 12.31
CA GLY B 84 -25.08 -13.60 11.45
C GLY B 84 -23.58 -13.78 11.33
N GLN B 85 -22.99 -13.16 10.32
CA GLN B 85 -21.58 -13.36 10.01
C GLN B 85 -20.97 -12.00 9.67
N GLY B 86 -19.78 -12.04 9.09
CA GLY B 86 -19.10 -10.81 8.74
C GLY B 86 -17.68 -11.08 8.33
N VAL B 87 -17.04 -10.02 7.80
CA VAL B 87 -15.68 -10.06 7.31
C VAL B 87 -14.89 -8.95 7.97
N SER B 88 -13.66 -9.24 8.34
CA SER B 88 -12.74 -8.26 8.90
C SER B 88 -11.40 -8.33 8.17
N ILE B 89 -10.73 -7.19 8.09
CA ILE B 89 -9.45 -7.07 7.40
C ILE B 89 -8.43 -6.48 8.36
N GLU B 90 -7.25 -7.08 8.42
CA GLU B 90 -6.19 -6.60 9.29
C GLU B 90 -4.85 -6.68 8.56
N TRP B 91 -3.96 -5.76 8.89
CA TRP B 91 -2.60 -5.75 8.38
C TRP B 91 -1.66 -6.00 9.54
N ARG B 92 -0.88 -7.07 9.46
CA ARG B 92 -0.08 -7.55 10.57
C ARG B 92 1.40 -7.54 10.18
N LYS B 93 2.25 -7.13 11.13
CA LYS B 93 3.69 -7.21 10.93
C LYS B 93 4.31 -7.40 12.31
N LYS B 94 4.64 -8.64 12.65
CA LYS B 94 5.39 -8.99 13.85
C LYS B 94 4.74 -8.40 15.10
N ARG B 95 3.53 -8.90 15.39
CA ARG B 95 2.70 -8.55 16.54
C ARG B 95 2.15 -7.13 16.48
N TYR B 96 2.35 -6.42 15.38
CA TYR B 96 1.75 -5.11 15.16
C TYR B 96 0.62 -5.24 14.15
N SER B 97 -0.57 -4.80 14.53
CA SER B 97 -1.77 -5.01 13.73
C SER B 97 -2.57 -3.73 13.59
N THR B 98 -3.04 -3.47 12.38
CA THR B 98 -3.90 -2.32 12.08
C THR B 98 -5.16 -2.78 11.37
N GLN B 99 -6.27 -2.10 11.64
CA GLN B 99 -7.47 -2.30 10.83
C GLN B 99 -7.27 -1.64 9.47
N VAL B 100 -7.79 -2.28 8.42
CA VAL B 100 -7.62 -1.82 7.05
C VAL B 100 -8.97 -1.87 6.36
N ASP B 101 -9.32 -0.80 5.65
CA ASP B 101 -10.56 -0.74 4.90
C ASP B 101 -10.46 -1.58 3.63
N PRO B 102 -11.60 -1.97 3.05
CA PRO B 102 -11.55 -2.82 1.84
C PRO B 102 -10.76 -2.22 0.68
N ASP B 103 -10.88 -0.91 0.45
CA ASP B 103 -10.18 -0.30 -0.68
C ASP B 103 -8.66 -0.33 -0.47
N LEU B 104 -8.22 0.06 0.72
CA LEU B 104 -6.79 -0.04 1.02
C LEU B 104 -6.32 -1.50 1.02
N ALA B 105 -7.18 -2.43 1.44
CA ALA B 105 -6.82 -3.84 1.39
C ALA B 105 -6.56 -4.28 -0.04
N ASP B 106 -7.45 -3.91 -0.96
CA ASP B 106 -7.24 -4.25 -2.37
C ASP B 106 -5.97 -3.61 -2.91
N GLN B 107 -5.74 -2.33 -2.56
CA GLN B 107 -4.55 -1.65 -3.05
C GLN B 107 -3.28 -2.31 -2.54
N LEU B 108 -3.26 -2.69 -1.27
CA LEU B 108 -2.08 -3.37 -0.72
C LEU B 108 -1.91 -4.77 -1.31
N ILE B 109 -3.01 -5.45 -1.65
CA ILE B 109 -2.91 -6.75 -2.29
C ILE B 109 -2.27 -6.61 -3.67
N HIS B 110 -2.73 -5.63 -4.45
CA HIS B 110 -2.24 -5.49 -5.82
C HIS B 110 -0.79 -5.07 -5.89
N LEU B 111 -0.19 -4.63 -4.77
CA LEU B 111 1.20 -4.20 -4.79
C LEU B 111 2.16 -5.35 -5.08
N HIS B 112 1.80 -6.57 -4.69
CA HIS B 112 2.74 -7.68 -4.70
C HIS B 112 2.36 -8.84 -5.60
N TYR B 113 1.07 -9.05 -5.87
CA TYR B 113 0.63 -10.35 -6.36
C TYR B 113 0.20 -10.35 -7.83
N PHE B 114 -0.78 -9.53 -8.20
CA PHE B 114 -1.39 -9.68 -9.50
C PHE B 114 -0.72 -8.76 -10.52
N ASP B 115 -0.70 -9.22 -11.78
CA ASP B 115 0.08 -8.56 -12.82
C ASP B 115 -0.46 -7.15 -13.09
N CYS B 116 0.46 -6.22 -13.32
CA CYS B 116 0.13 -4.83 -13.61
C CYS B 116 0.90 -4.38 -14.85
N PHE B 117 0.67 -3.14 -15.24
CA PHE B 117 1.39 -2.58 -16.39
C PHE B 117 2.87 -2.46 -16.06
N SER B 118 3.72 -2.75 -17.05
CA SER B 118 5.16 -2.68 -16.87
C SER B 118 5.63 -1.24 -16.86
N GLU B 119 6.90 -1.05 -16.52
CA GLU B 119 7.48 0.29 -16.50
C GLU B 119 7.46 0.90 -17.90
N SER B 120 7.84 0.12 -18.90
CA SER B 120 7.83 0.57 -20.29
C SER B 120 6.53 0.15 -20.98
N ALA B 121 5.42 0.56 -20.39
CA ALA B 121 4.09 0.30 -20.95
C ALA B 121 3.44 1.53 -21.55
N ILE B 122 3.74 2.71 -21.03
CA ILE B 122 3.17 3.93 -21.59
C ILE B 122 3.77 4.23 -22.96
N ARG B 123 5.06 3.97 -23.12
CA ARG B 123 5.75 4.33 -24.37
C ARG B 123 5.28 3.45 -25.53
N ASN B 124 5.21 2.14 -25.29
CA ASN B 124 4.80 1.22 -26.36
C ASN B 124 3.39 1.53 -26.83
N THR B 125 2.50 1.87 -25.89
CA THR B 125 1.15 2.28 -26.27
C THR B 125 1.16 3.61 -27.00
N ILE B 126 2.08 4.51 -26.65
CA ILE B 126 2.16 5.81 -27.32
C ILE B 126 2.43 5.62 -28.81
N LEU B 127 3.38 4.74 -29.15
CA LEU B 127 3.72 4.48 -30.54
C LEU B 127 2.88 3.38 -31.18
N GLY B 128 1.95 2.79 -30.44
CA GLY B 128 1.14 1.70 -30.97
C GLY B 128 1.72 0.32 -30.79
N ARG B 129 2.92 0.19 -30.23
CA ARG B 129 3.50 -1.12 -30.00
C ARG B 129 2.71 -1.88 -28.94
N ILE B 130 2.75 -3.21 -29.04
CA ILE B 130 1.96 -4.06 -28.15
C ILE B 130 2.58 -4.07 -26.76
N VAL B 131 1.72 -4.14 -25.74
CA VAL B 131 2.13 -4.23 -24.35
C VAL B 131 1.71 -5.59 -23.82
N SER B 132 2.68 -6.40 -23.41
CA SER B 132 2.39 -7.75 -22.95
C SER B 132 1.79 -7.76 -21.55
N PRO B 133 2.45 -7.22 -20.51
CA PRO B 133 1.89 -7.32 -19.15
C PRO B 133 0.87 -6.23 -18.90
N ARG B 134 -0.40 -6.63 -18.82
CA ARG B 134 -1.49 -5.70 -18.57
C ARG B 134 -1.85 -5.72 -17.08
N CYS B 135 -2.94 -5.06 -16.72
CA CYS B 135 -3.44 -5.03 -15.36
C CYS B 135 -4.91 -5.45 -15.39
N GLU B 136 -5.17 -6.72 -15.12
CA GLU B 136 -6.52 -7.25 -15.09
C GLU B 136 -7.16 -7.17 -13.71
N TYR B 137 -6.41 -6.73 -12.69
CA TYR B 137 -6.94 -6.55 -11.34
C TYR B 137 -7.29 -5.08 -11.16
N GLN B 138 -8.42 -4.68 -11.76
CA GLN B 138 -8.84 -3.27 -11.67
C GLN B 138 -9.20 -2.88 -10.25
N ALA B 139 -9.66 -3.82 -9.44
CA ALA B 139 -10.07 -3.53 -8.08
C ALA B 139 -8.92 -3.07 -7.20
N GLY B 140 -7.68 -3.26 -7.63
CA GLY B 140 -6.54 -2.78 -6.89
C GLY B 140 -6.20 -1.33 -7.10
N HIS B 141 -6.92 -0.65 -8.00
CA HIS B 141 -6.68 0.75 -8.32
C HIS B 141 -7.95 1.55 -7.99
N ASN B 142 -7.88 2.31 -6.91
CA ASN B 142 -9.01 3.15 -6.49
C ASN B 142 -8.67 4.63 -6.61
N VAL B 144 -7.52 8.30 -6.49
CA VAL B 144 -7.03 8.86 -7.75
C VAL B 144 -5.51 8.72 -7.83
N GLY B 145 -5.03 8.20 -8.95
CA GLY B 145 -3.61 8.01 -9.15
C GLY B 145 -2.99 9.10 -10.02
N SER B 146 -2.78 8.77 -11.30
CA SER B 146 -2.25 9.73 -12.26
C SER B 146 -3.06 9.64 -13.55
N LEU B 147 -3.05 10.74 -14.31
CA LEU B 147 -3.80 10.80 -15.55
C LEU B 147 -3.26 9.83 -16.60
N GLN B 148 -1.98 9.44 -16.48
CA GLN B 148 -1.42 8.48 -17.42
C GLN B 148 -2.15 7.15 -17.34
N TYR B 149 -2.41 6.66 -16.12
CA TYR B 149 -3.15 5.42 -15.98
C TYR B 149 -4.57 5.56 -16.51
N LEU B 150 -5.23 6.68 -16.21
CA LEU B 150 -6.61 6.85 -16.67
C LEU B 150 -6.67 6.82 -18.19
N ALA B 151 -5.75 7.53 -18.86
CA ALA B 151 -5.71 7.51 -20.32
C ALA B 151 -5.38 6.13 -20.85
N LEU B 152 -4.43 5.43 -20.21
CA LEU B 152 -4.06 4.09 -20.66
C LEU B 152 -5.24 3.13 -20.56
N ALA B 153 -5.96 3.16 -19.44
CA ALA B 153 -7.13 2.31 -19.27
C ALA B 153 -8.23 2.68 -20.25
N ALA B 154 -8.43 3.97 -20.51
CA ALA B 154 -9.37 4.37 -21.55
C ALA B 154 -8.93 3.91 -22.93
N LEU B 155 -7.64 3.67 -23.12
CA LEU B 155 -7.15 3.19 -24.40
C LEU B 155 -7.32 1.67 -24.53
N ILE B 156 -6.69 0.91 -23.64
CA ILE B 156 -6.74 -0.54 -23.66
C ILE B 156 -7.73 -0.99 -22.59
N LYS B 157 -8.74 -1.75 -22.99
CA LYS B 157 -9.74 -2.25 -22.06
C LYS B 157 -9.27 -3.59 -21.50
N PRO B 158 -8.94 -3.68 -20.20
CA PRO B 158 -8.46 -4.91 -19.59
C PRO B 158 -9.58 -5.68 -18.86
N ILE B 161 -11.08 -11.71 -16.90
CA ILE B 161 -10.86 -13.05 -16.37
C ILE B 161 -12.22 -13.69 -16.10
N LYS B 162 -12.44 -14.89 -16.65
CA LYS B 162 -13.74 -15.52 -16.51
C LYS B 162 -14.09 -15.83 -15.06
N PRO B 163 -13.22 -16.44 -14.25
CA PRO B 163 -13.48 -16.47 -12.81
C PRO B 163 -12.92 -15.21 -12.15
N PRO B 164 -13.77 -14.37 -11.59
CA PRO B 164 -13.30 -13.07 -11.06
C PRO B 164 -12.25 -13.26 -9.99
N LEU B 165 -11.26 -12.37 -10.00
CA LEU B 165 -10.17 -12.44 -9.04
C LEU B 165 -10.67 -12.05 -7.65
N PRO B 166 -10.02 -12.54 -6.60
CA PRO B 166 -10.47 -12.23 -5.24
C PRO B 166 -10.26 -10.76 -4.87
N SER B 167 -11.36 -10.02 -4.72
CA SER B 167 -11.32 -8.62 -4.33
C SER B 167 -12.02 -8.46 -2.99
N VAL B 168 -11.38 -7.75 -2.07
CA VAL B 168 -11.96 -7.53 -0.74
C VAL B 168 -13.09 -6.51 -0.77
N ARG B 169 -13.09 -5.58 -1.74
CA ARG B 169 -14.13 -4.57 -1.76
C ARG B 169 -15.45 -5.11 -2.28
N LYS B 170 -15.43 -6.09 -3.18
CA LYS B 170 -16.68 -6.67 -3.67
C LYS B 170 -17.31 -7.57 -2.61
N LEU B 171 -16.48 -8.34 -1.89
CA LEU B 171 -16.98 -9.16 -0.80
C LEU B 171 -17.56 -8.29 0.31
N THR B 172 -16.90 -7.18 0.62
CA THR B 172 -17.30 -6.31 1.71
C THR B 172 -18.22 -5.17 1.22
N GLU B 173 -18.99 -5.42 0.16
CA GLU B 173 -19.90 -4.42 -0.36
C GLU B 173 -21.08 -4.23 0.61
N ASP B 174 -21.99 -3.32 0.24
CA ASP B 174 -23.19 -3.02 1.02
C ASP B 174 -22.85 -2.55 2.43
N LEU C 10 13.13 -38.35 32.21
CA LEU C 10 13.43 -38.29 30.78
C LEU C 10 13.18 -39.63 30.09
N LEU C 11 13.64 -39.75 28.85
CA LEU C 11 13.30 -40.89 28.00
C LEU C 11 14.10 -42.12 28.42
N THR C 12 14.02 -43.17 27.61
CA THR C 12 14.76 -44.40 27.83
C THR C 12 15.33 -44.89 26.51
N ALA C 13 16.40 -45.67 26.60
CA ALA C 13 17.04 -46.18 25.38
C ALA C 13 16.07 -46.99 24.54
N GLU C 14 15.36 -47.93 25.17
CA GLU C 14 14.31 -48.65 24.47
C GLU C 14 13.23 -47.70 23.98
N THR C 15 12.84 -46.74 24.83
CA THR C 15 11.83 -45.76 24.42
C THR C 15 12.33 -44.92 23.26
N PHE C 16 13.61 -44.55 23.27
CA PHE C 16 14.15 -43.78 22.15
C PHE C 16 14.12 -44.58 20.87
N ARG C 17 14.62 -45.82 20.90
CA ARG C 17 14.74 -46.58 19.66
C ARG C 17 13.36 -46.94 19.11
N LEU C 18 12.39 -47.22 19.99
CA LEU C 18 11.06 -47.55 19.50
C LEU C 18 10.29 -46.32 19.04
N GLN C 19 10.22 -45.29 19.87
CA GLN C 19 9.31 -44.17 19.62
C GLN C 19 9.83 -43.19 18.58
N PHE C 20 11.14 -43.20 18.29
CA PHE C 20 11.73 -42.29 17.31
C PHE C 20 12.04 -42.99 16.00
N ASN C 21 11.38 -44.11 15.70
CA ASN C 21 11.59 -44.80 14.45
C ASN C 21 11.19 -43.91 13.28
N ASN C 22 11.94 -44.03 12.18
CA ASN C 22 11.63 -43.28 10.96
C ASN C 22 11.42 -44.19 9.77
N LYS C 23 11.04 -45.45 10.01
CA LYS C 23 10.86 -46.43 8.95
C LYS C 23 9.38 -46.56 8.59
N ARG C 24 9.13 -47.19 7.45
CA ARG C 24 7.77 -47.42 6.96
C ARG C 24 7.36 -48.88 7.05
N ARG C 25 8.09 -49.67 7.84
CA ARG C 25 7.85 -51.11 7.95
C ARG C 25 7.42 -51.52 9.35
N LEU C 26 8.22 -51.18 10.37
CA LEU C 26 7.98 -51.50 11.78
C LEU C 26 8.02 -52.99 12.08
N ARG C 27 8.45 -53.83 11.14
CA ARG C 27 8.61 -55.26 11.35
C ARG C 27 7.30 -55.94 11.72
N ARG C 28 7.38 -57.23 12.10
CA ARG C 28 6.18 -57.96 12.50
C ARG C 28 5.55 -57.40 13.78
N PRO C 29 6.27 -57.13 14.86
CA PRO C 29 5.62 -56.52 16.04
C PRO C 29 5.01 -55.18 15.66
N TYR C 30 3.83 -54.92 16.22
CA TYR C 30 3.00 -53.81 15.78
C TYR C 30 2.63 -52.91 16.96
N TYR C 31 3.64 -52.55 17.75
CA TYR C 31 3.48 -51.51 18.75
C TYR C 31 3.13 -50.19 18.07
N PRO C 32 2.34 -49.34 18.72
CA PRO C 32 1.99 -48.06 18.12
C PRO C 32 3.04 -46.99 18.36
N ARG C 33 3.21 -46.11 17.37
CA ARG C 33 4.12 -44.98 17.46
C ARG C 33 3.32 -43.72 17.74
N LYS C 34 3.66 -43.04 18.83
CA LYS C 34 2.94 -41.85 19.26
C LYS C 34 3.83 -40.62 19.14
N ALA C 35 3.20 -39.50 18.79
CA ALA C 35 3.93 -38.25 18.62
C ALA C 35 4.54 -37.80 19.95
N LEU C 36 5.79 -37.37 19.87
CA LEU C 36 6.54 -36.89 21.03
C LEU C 36 7.24 -35.60 20.67
N LEU C 37 7.49 -34.76 21.67
CA LEU C 37 8.19 -33.50 21.47
C LEU C 37 9.34 -33.42 22.44
N CYS C 38 10.56 -33.24 21.92
CA CYS C 38 11.75 -33.04 22.75
C CYS C 38 12.26 -31.62 22.48
N TYR C 39 12.01 -30.71 23.42
CA TYR C 39 12.34 -29.31 23.24
C TYR C 39 13.57 -28.95 24.06
N GLN C 40 14.42 -28.09 23.50
CA GLN C 40 15.60 -27.61 24.20
C GLN C 40 15.77 -26.12 23.98
N LEU C 41 16.08 -25.42 25.07
CA LEU C 41 16.20 -23.97 25.16
C LEU C 41 17.66 -23.58 25.26
N THR C 42 18.08 -22.61 24.45
CA THR C 42 19.39 -21.97 24.60
C THR C 42 19.22 -20.46 24.63
N PRO C 43 19.49 -19.81 25.75
CA PRO C 43 19.55 -18.35 25.78
C PRO C 43 20.97 -17.84 25.53
N GLN C 44 21.04 -16.66 24.92
CA GLN C 44 22.32 -16.04 24.64
C GLN C 44 22.93 -15.38 25.86
N ASN C 45 22.16 -15.20 26.94
CA ASN C 45 22.70 -14.58 28.15
C ASN C 45 23.79 -15.43 28.78
N GLY C 46 23.59 -16.74 28.82
CA GLY C 46 24.56 -17.63 29.42
C GLY C 46 23.92 -18.72 30.27
N SER C 47 22.59 -18.71 30.35
CA SER C 47 21.88 -19.73 31.12
C SER C 47 21.99 -21.09 30.43
N THR C 48 21.94 -22.14 31.25
CA THR C 48 22.07 -23.49 30.72
C THR C 48 20.86 -23.85 29.83
N PRO C 49 21.07 -24.68 28.82
CA PRO C 49 19.94 -25.13 28.00
C PRO C 49 18.91 -25.84 28.85
N THR C 50 17.64 -25.61 28.54
CA THR C 50 16.53 -26.20 29.28
C THR C 50 15.92 -27.32 28.45
N ARG C 51 15.82 -28.51 29.04
CA ARG C 51 15.41 -29.72 28.34
C ARG C 51 14.02 -30.14 28.78
N GLY C 52 13.23 -30.64 27.84
CA GLY C 52 11.93 -31.17 28.20
C GLY C 52 11.37 -32.05 27.10
N TYR C 53 10.34 -32.82 27.48
CA TYR C 53 9.65 -33.70 26.53
C TYR C 53 8.17 -33.75 26.90
N PHE C 54 7.34 -33.82 25.86
CA PHE C 54 5.88 -33.83 26.01
C PHE C 54 5.28 -34.87 25.09
N GLU C 55 4.11 -35.38 25.47
CA GLU C 55 3.37 -36.37 24.70
C GLU C 55 2.05 -35.77 24.24
N ASN C 56 1.32 -36.52 23.43
CA ASN C 56 0.07 -36.03 22.88
C ASN C 56 -1.06 -36.24 23.86
N LYS C 57 -0.96 -35.60 25.02
CA LYS C 57 -1.98 -35.77 26.03
C LYS C 57 -3.33 -35.46 25.40
N LYS C 58 -4.39 -36.07 25.92
CA LYS C 58 -5.71 -35.87 25.36
C LYS C 58 -5.92 -34.41 25.01
N LYS C 59 -6.29 -34.14 23.76
CA LYS C 59 -6.57 -32.77 23.32
C LYS C 59 -5.31 -31.90 23.21
N CYS C 60 -4.52 -31.86 24.28
CA CYS C 60 -3.32 -31.05 24.25
C CYS C 60 -2.26 -31.75 23.43
N HIS C 61 -2.26 -31.53 22.12
CA HIS C 61 -1.22 -32.10 21.29
C HIS C 61 0.14 -31.66 21.82
N ALA C 62 1.18 -32.41 21.51
CA ALA C 62 2.50 -32.10 22.07
C ALA C 62 2.91 -30.67 21.79
N GLU C 63 2.69 -30.21 20.57
CA GLU C 63 3.09 -28.86 20.23
C GLU C 63 2.37 -27.87 21.11
N ILE C 64 1.05 -27.99 21.18
CA ILE C 64 0.26 -27.07 21.98
C ILE C 64 0.66 -27.09 23.45
N CYS C 65 1.02 -28.27 23.96
CA CYS C 65 1.46 -28.36 25.34
C CYS C 65 2.76 -27.61 25.47
N PHE C 66 3.65 -27.81 24.50
CA PHE C 66 4.93 -27.11 24.53
C PHE C 66 4.73 -25.61 24.53
N ILE C 67 3.79 -25.11 23.72
CA ILE C 67 3.49 -23.68 23.69
C ILE C 67 3.04 -23.20 25.05
N ASN C 68 2.12 -23.95 25.67
CA ASN C 68 1.63 -23.58 26.99
C ASN C 68 2.75 -23.61 28.03
N GLU C 69 3.63 -24.60 27.94
CA GLU C 69 4.75 -24.70 28.86
C GLU C 69 5.67 -23.49 28.74
N ILE C 70 6.05 -23.13 27.52
CA ILE C 70 6.96 -22.02 27.32
C ILE C 70 6.31 -20.70 27.73
N LYS C 71 4.99 -20.57 27.51
CA LYS C 71 4.30 -19.36 27.94
C LYS C 71 4.24 -19.27 29.46
N SER C 72 3.96 -20.40 30.13
CA SER C 72 3.75 -20.38 31.57
C SER C 72 5.06 -20.20 32.33
N MET C 73 6.12 -20.88 31.89
CA MET C 73 7.37 -20.85 32.65
C MET C 73 8.03 -19.48 32.65
N GLY C 74 7.65 -18.60 31.73
CA GLY C 74 8.11 -17.23 31.75
C GLY C 74 9.51 -17.03 31.18
N LEU C 75 9.68 -15.96 30.41
CA LEU C 75 10.98 -15.61 29.86
C LEU C 75 10.95 -14.14 29.44
N ASP C 76 12.13 -13.54 29.37
CA ASP C 76 12.23 -12.11 29.08
C ASP C 76 11.92 -11.86 27.61
N GLU C 77 11.25 -10.75 27.34
CA GLU C 77 10.82 -10.44 25.98
C GLU C 77 11.96 -9.93 25.10
N THR C 78 12.92 -9.22 25.67
CA THR C 78 13.96 -8.56 24.88
C THR C 78 15.21 -9.42 24.68
N GLN C 79 15.24 -10.64 25.21
CA GLN C 79 16.38 -11.53 25.06
C GLN C 79 16.03 -12.61 24.05
N CYS C 80 16.82 -12.72 22.99
CA CYS C 80 16.55 -13.70 21.95
C CYS C 80 16.92 -15.10 22.45
N TYR C 81 16.00 -16.03 22.31
CA TYR C 81 16.18 -17.41 22.75
C TYR C 81 16.03 -18.33 21.54
N GLN C 82 16.91 -19.33 21.46
CA GLN C 82 16.84 -20.33 20.40
C GLN C 82 16.19 -21.59 20.96
N VAL C 83 15.03 -21.94 20.42
CA VAL C 83 14.28 -23.11 20.84
C VAL C 83 14.33 -24.13 19.70
N THR C 84 14.66 -25.37 20.03
CA THR C 84 14.64 -26.43 19.03
C THR C 84 13.81 -27.58 19.56
N CYS C 85 12.80 -27.98 18.79
CA CYS C 85 11.92 -29.08 19.16
C CYS C 85 12.06 -30.20 18.14
N TYR C 86 12.46 -31.37 18.62
CA TYR C 86 12.47 -32.59 17.83
C TYR C 86 11.12 -33.26 18.02
N LEU C 87 10.27 -33.20 17.00
CA LEU C 87 8.96 -33.82 17.03
C LEU C 87 9.05 -35.18 16.35
N THR C 88 8.46 -36.19 16.99
CA THR C 88 8.47 -37.53 16.41
C THR C 88 7.65 -37.58 15.13
N TRP C 89 6.52 -36.89 15.10
CA TRP C 89 5.62 -36.99 13.94
C TRP C 89 5.40 -35.69 13.17
N SER C 90 6.11 -34.63 13.53
CA SER C 90 5.90 -33.33 12.88
C SER C 90 4.56 -32.72 13.29
N PRO C 91 4.38 -31.40 13.06
CA PRO C 91 3.15 -30.75 13.51
C PRO C 91 1.97 -30.86 12.55
N CYS C 92 0.77 -31.08 13.06
CA CYS C 92 -0.42 -31.13 12.24
C CYS C 92 -0.90 -29.71 11.90
N SER C 93 -1.92 -29.64 11.05
CA SER C 93 -2.35 -28.35 10.51
C SER C 93 -2.81 -27.41 11.62
N SER C 94 -3.59 -27.91 12.57
CA SER C 94 -3.98 -27.09 13.70
C SER C 94 -2.76 -26.66 14.51
N CYS C 95 -1.83 -27.59 14.74
CA CYS C 95 -0.59 -27.22 15.41
C CYS C 95 0.28 -26.35 14.52
N ALA C 96 0.27 -26.59 13.21
CA ALA C 96 1.05 -25.75 12.31
C ALA C 96 0.57 -24.30 12.34
N TRP C 97 -0.72 -24.09 12.62
CA TRP C 97 -1.26 -22.74 12.71
C TRP C 97 -1.08 -22.13 14.10
N GLU C 98 -1.30 -22.91 15.16
CA GLU C 98 -1.09 -22.38 16.50
C GLU C 98 0.37 -22.02 16.73
N LEU C 99 1.30 -22.85 16.26
CA LEU C 99 2.72 -22.56 16.40
C LEU C 99 3.11 -21.32 15.61
N VAL C 100 2.55 -21.17 14.40
CA VAL C 100 2.84 -19.99 13.59
C VAL C 100 2.37 -18.73 14.32
N ASP C 101 1.15 -18.77 14.86
CA ASP C 101 0.64 -17.61 15.58
C ASP C 101 1.48 -17.30 16.81
N PHE C 102 1.87 -18.33 17.57
CA PHE C 102 2.69 -18.10 18.74
C PHE C 102 4.05 -17.52 18.38
N ILE C 103 4.65 -18.01 17.29
CA ILE C 103 5.98 -17.52 16.91
C ILE C 103 5.91 -16.14 16.28
N GLN C 104 4.77 -15.73 15.72
CA GLN C 104 4.63 -14.36 15.28
C GLN C 104 4.41 -13.42 16.45
N ALA C 105 3.66 -13.88 17.46
CA ALA C 105 3.43 -13.05 18.64
C ALA C 105 4.72 -12.80 19.41
N HIS C 106 5.55 -13.82 19.58
CA HIS C 106 6.80 -13.72 20.32
C HIS C 106 7.95 -13.50 19.34
N ASP C 107 8.56 -12.32 19.38
CA ASP C 107 9.59 -11.98 18.42
C ASP C 107 10.92 -12.66 18.73
N HIS C 108 11.24 -12.85 20.01
CA HIS C 108 12.57 -13.24 20.44
C HIS C 108 12.77 -14.75 20.51
N LEU C 109 11.99 -15.52 19.75
CA LEU C 109 12.08 -16.98 19.78
C LEU C 109 12.41 -17.48 18.39
N ASN C 110 13.61 -18.02 18.22
CA ASN C 110 14.02 -18.65 16.97
C ASN C 110 13.70 -20.14 17.08
N LEU C 111 12.68 -20.59 16.37
CA LEU C 111 12.13 -21.93 16.53
C LEU C 111 12.61 -22.83 15.40
N ARG C 112 13.18 -23.98 15.77
CA ARG C 112 13.66 -24.98 14.81
C ARG C 112 12.96 -26.30 15.07
N ILE C 113 12.15 -26.75 14.11
CA ILE C 113 11.38 -27.98 14.21
C ILE C 113 12.08 -29.06 13.41
N PHE C 114 12.31 -30.21 14.04
CA PHE C 114 12.95 -31.34 13.38
C PHE C 114 12.05 -32.57 13.49
N ALA C 115 11.63 -33.09 12.34
CA ALA C 115 10.65 -34.17 12.29
C ALA C 115 11.33 -35.47 11.88
N SER C 116 11.09 -36.53 12.66
CA SER C 116 11.61 -37.85 12.31
C SER C 116 10.80 -38.49 11.18
N ARG C 117 9.52 -38.12 11.04
CA ARG C 117 8.72 -38.59 9.92
C ARG C 117 7.54 -37.65 9.74
N LEU C 118 6.91 -37.74 8.57
CA LEU C 118 5.87 -36.79 8.18
C LEU C 118 4.49 -37.30 8.56
N TYR C 119 3.63 -36.37 8.98
CA TYR C 119 2.28 -36.68 9.46
C TYR C 119 1.30 -36.47 8.32
N TYR C 120 0.81 -37.55 7.74
CA TYR C 120 -0.18 -37.50 6.65
C TYR C 120 0.28 -36.60 5.51
N HIS C 121 1.51 -36.81 5.06
CA HIS C 121 2.10 -35.94 4.05
C HIS C 121 1.43 -36.05 2.69
N TRP C 122 0.57 -37.04 2.49
CA TRP C 122 -0.14 -37.18 1.22
C TRP C 122 -1.43 -36.38 1.15
N CYS C 123 -1.86 -35.80 2.27
CA CYS C 123 -3.07 -34.98 2.29
C CYS C 123 -2.70 -33.52 2.04
N LYS C 124 -3.54 -32.84 1.26
CA LYS C 124 -3.25 -31.44 0.90
C LYS C 124 -3.17 -30.52 2.12
N PRO C 125 -4.11 -30.54 3.07
CA PRO C 125 -3.99 -29.60 4.20
C PRO C 125 -2.70 -29.73 4.99
N GLN C 126 -2.18 -30.96 5.16
CA GLN C 126 -0.93 -31.12 5.89
C GLN C 126 0.25 -30.52 5.12
N GLN C 127 0.28 -30.69 3.80
CA GLN C 127 1.32 -30.06 2.99
C GLN C 127 1.23 -28.54 3.07
N ASP C 128 0.00 -28.00 3.00
CA ASP C 128 -0.14 -26.55 3.11
C ASP C 128 0.27 -26.05 4.50
N GLY C 129 -0.01 -26.83 5.54
CA GLY C 129 0.43 -26.45 6.87
C GLY C 129 1.93 -26.45 7.00
N LEU C 130 2.59 -27.45 6.41
CA LEU C 130 4.06 -27.47 6.43
C LEU C 130 4.65 -26.30 5.65
N ARG C 131 4.05 -25.96 4.51
CA ARG C 131 4.51 -24.81 3.75
C ARG C 131 4.29 -23.52 4.52
N LEU C 132 3.16 -23.41 5.23
CA LEU C 132 2.93 -22.28 6.12
C LEU C 132 4.02 -22.19 7.18
N LEU C 133 4.34 -23.31 7.82
CA LEU C 133 5.35 -23.30 8.86
C LEU C 133 6.69 -22.85 8.30
N CYS C 134 7.06 -23.36 7.13
CA CYS C 134 8.33 -22.97 6.52
C CYS C 134 8.33 -21.48 6.17
N GLY C 135 7.23 -20.98 5.60
CA GLY C 135 7.20 -19.61 5.14
C GLY C 135 7.27 -18.60 6.27
N SER C 136 6.65 -18.90 7.40
CA SER C 136 6.57 -17.96 8.52
C SER C 136 7.75 -18.11 9.47
N GLN C 137 8.97 -18.09 8.92
CA GLN C 137 10.21 -17.97 9.68
C GLN C 137 10.57 -19.24 10.44
N VAL C 138 9.72 -20.25 10.42
CA VAL C 138 9.95 -21.49 11.15
C VAL C 138 10.50 -22.52 10.16
N PRO C 139 11.79 -22.87 10.23
CA PRO C 139 12.31 -23.91 9.33
C PRO C 139 12.03 -25.29 9.90
N VAL C 140 11.25 -26.07 9.17
CA VAL C 140 10.94 -27.45 9.53
C VAL C 140 11.70 -28.37 8.57
N GLU C 141 12.57 -29.21 9.13
CA GLU C 141 13.42 -30.09 8.36
C GLU C 141 13.34 -31.49 8.94
N VAL C 142 13.61 -32.49 8.09
CA VAL C 142 13.63 -33.86 8.55
C VAL C 142 14.86 -34.09 9.43
N MET C 143 14.70 -34.98 10.40
CA MET C 143 15.85 -35.46 11.17
C MET C 143 16.90 -36.07 10.25
N GLY C 144 18.16 -35.73 10.52
CA GLY C 144 19.28 -36.40 9.90
C GLY C 144 20.15 -37.02 10.97
N PHE C 145 21.31 -37.55 10.59
CA PHE C 145 22.21 -38.12 11.61
C PHE C 145 22.63 -37.13 12.68
N PRO C 146 23.00 -35.88 12.38
CA PRO C 146 23.46 -34.98 13.47
C PRO C 146 22.44 -34.80 14.58
N GLU C 147 21.20 -34.42 14.24
CA GLU C 147 20.21 -34.21 15.28
C GLU C 147 19.77 -35.51 15.92
N PHE C 148 19.77 -36.62 15.17
CA PHE C 148 19.49 -37.91 15.77
C PHE C 148 20.50 -38.23 16.87
N ALA C 149 21.79 -38.04 16.58
CA ALA C 149 22.82 -38.27 17.58
C ALA C 149 22.68 -37.31 18.74
N ASP C 150 22.39 -36.03 18.45
CA ASP C 150 22.28 -35.03 19.51
C ASP C 150 21.17 -35.40 20.49
N CYS C 151 19.96 -35.68 19.96
CA CYS C 151 18.86 -36.07 20.83
C CYS C 151 19.07 -37.46 21.43
N TRP C 152 19.97 -38.27 20.85
CA TRP C 152 20.28 -39.56 21.45
C TRP C 152 21.12 -39.38 22.71
N GLU C 153 22.29 -38.76 22.58
CA GLU C 153 23.11 -38.57 23.78
C GLU C 153 22.57 -37.49 24.71
N ASN C 154 21.53 -36.76 24.31
CA ASN C 154 20.97 -35.73 25.17
C ASN C 154 19.81 -36.24 26.02
N PHE C 155 18.76 -36.75 25.37
CA PHE C 155 17.51 -37.08 26.04
C PHE C 155 17.40 -38.55 26.43
N VAL C 156 18.53 -39.24 26.61
CA VAL C 156 18.53 -40.63 27.03
C VAL C 156 19.63 -40.84 28.06
N ASP C 157 19.30 -41.55 29.13
CA ASP C 157 20.29 -41.94 30.14
C ASP C 157 20.94 -43.24 29.70
N HIS C 158 22.27 -43.22 29.56
CA HIS C 158 23.03 -44.37 29.08
C HIS C 158 23.59 -45.22 30.20
N GLU C 159 23.25 -44.91 31.45
CA GLU C 159 23.78 -45.68 32.58
C GLU C 159 23.29 -47.13 32.55
N LYS C 160 22.01 -47.34 32.25
CA LYS C 160 21.47 -48.68 32.24
C LYS C 160 22.00 -49.47 31.04
N PRO C 161 22.18 -50.77 31.20
CA PRO C 161 22.61 -51.59 30.06
C PRO C 161 21.53 -51.68 28.99
N LEU C 162 21.96 -51.81 27.74
CA LEU C 162 21.04 -51.90 26.63
C LEU C 162 21.66 -52.73 25.52
N SER C 163 20.82 -53.42 24.76
CA SER C 163 21.24 -54.17 23.59
C SER C 163 21.18 -53.28 22.35
N PHE C 164 21.53 -53.84 21.20
CA PHE C 164 21.49 -53.08 19.95
C PHE C 164 22.34 -51.82 20.06
N ASN C 165 23.63 -51.93 19.75
CA ASN C 165 24.51 -50.78 19.89
C ASN C 165 23.92 -49.53 19.25
N PRO C 166 23.84 -48.44 20.02
CA PRO C 166 23.26 -47.20 19.49
C PRO C 166 23.94 -46.78 18.20
N TYR C 167 25.22 -47.12 18.06
CA TYR C 167 25.93 -46.76 16.85
C TYR C 167 25.15 -47.31 15.67
N LYS C 168 24.71 -48.56 15.79
CA LYS C 168 23.91 -49.15 14.73
C LYS C 168 22.56 -48.48 14.71
N MET C 169 21.97 -48.30 15.89
CA MET C 169 20.68 -47.62 15.96
C MET C 169 20.70 -46.30 15.20
N LEU C 170 21.70 -45.45 15.51
CA LEU C 170 21.76 -44.13 14.92
C LEU C 170 21.98 -44.20 13.42
N GLU C 171 22.88 -45.08 12.98
CA GLU C 171 23.09 -45.24 11.54
C GLU C 171 21.85 -45.79 10.85
N GLU C 172 21.11 -46.69 11.49
CA GLU C 172 19.87 -47.20 10.92
C GLU C 172 18.86 -46.08 10.76
N LEU C 173 18.71 -45.24 11.78
CA LEU C 173 17.76 -44.14 11.71
C LEU C 173 18.16 -43.16 10.61
N ASP C 174 19.45 -42.82 10.53
CA ASP C 174 19.91 -41.90 9.50
C ASP C 174 19.66 -42.48 8.11
N LYS C 175 19.94 -43.77 7.92
CA LYS C 175 19.70 -44.39 6.62
C LYS C 175 18.21 -44.36 6.28
N ASN C 176 17.35 -44.63 7.26
CA ASN C 176 15.92 -44.56 7.03
C ASN C 176 15.47 -43.13 6.71
N SER C 177 16.24 -42.13 7.15
CA SER C 177 15.82 -40.74 7.02
C SER C 177 16.36 -40.07 5.75
N ARG C 178 16.46 -40.80 4.65
CA ARG C 178 16.81 -40.20 3.36
C ARG C 178 15.62 -40.03 2.44
N ALA C 179 14.78 -41.05 2.32
CA ALA C 179 13.61 -40.95 1.45
C ALA C 179 12.64 -39.88 1.94
N ILE C 180 12.43 -39.80 3.24
CA ILE C 180 11.54 -38.77 3.79
C ILE C 180 12.18 -37.39 3.71
N LYS C 181 13.52 -37.30 3.79
CA LYS C 181 14.19 -36.03 3.53
C LYS C 181 13.90 -35.56 2.11
N ARG C 182 14.02 -36.46 1.14
CA ARG C 182 13.70 -36.12 -0.24
C ARG C 182 12.23 -35.73 -0.39
N ARG C 183 11.34 -36.45 0.31
CA ARG C 183 9.92 -36.14 0.23
C ARG C 183 9.62 -34.75 0.76
N LEU C 184 10.22 -34.38 1.90
CA LEU C 184 10.01 -33.04 2.43
C LEU C 184 10.60 -31.98 1.49
N ASP C 185 11.79 -32.24 0.95
CA ASP C 185 12.40 -31.28 0.05
C ASP C 185 11.56 -31.08 -1.21
N ARG C 186 10.87 -32.12 -1.66
CA ARG C 186 10.01 -32.01 -2.84
C ARG C 186 8.59 -31.60 -2.49
N ILE C 187 8.24 -31.55 -1.20
CA ILE C 187 6.87 -31.22 -0.81
C ILE C 187 6.63 -29.72 -0.77
N LYS C 188 7.68 -28.91 -0.68
CA LYS C 188 7.54 -27.45 -0.60
C LYS C 188 7.45 -26.88 -2.02
N SER C 189 6.37 -26.17 -2.30
CA SER C 189 6.15 -25.61 -3.62
C SER C 189 5.35 -24.32 -3.55
N SER F 6 11.40 8.34 -33.57
CA SER F 6 11.25 8.96 -34.88
C SER F 6 12.31 10.04 -35.10
N LEU F 7 12.05 11.24 -34.59
CA LEU F 7 12.96 12.37 -34.72
C LEU F 7 13.71 12.52 -33.40
N GLN F 8 14.90 11.93 -33.31
CA GLN F 8 15.71 12.02 -32.11
C GLN F 8 17.15 12.33 -32.49
N PHE F 9 17.66 13.45 -31.99
CA PHE F 9 19.05 13.87 -32.07
C PHE F 9 19.49 14.27 -33.47
N GLU F 10 18.64 14.15 -34.48
CA GLU F 10 18.94 14.65 -35.81
C GLU F 10 18.18 15.95 -36.01
N ASP F 11 18.90 17.02 -36.32
CA ASP F 11 18.36 18.37 -36.42
C ASP F 11 17.62 18.81 -35.15
N LYS F 12 17.84 18.11 -34.03
CA LYS F 12 17.15 18.41 -32.78
C LYS F 12 18.09 18.85 -31.69
N TRP F 13 19.15 18.07 -31.41
CA TRP F 13 20.10 18.47 -30.38
C TRP F 13 20.85 19.74 -30.79
N ASP F 14 21.15 19.88 -32.07
CA ASP F 14 21.79 21.10 -32.56
C ASP F 14 20.85 22.30 -32.43
N PHE F 15 19.54 22.07 -32.49
CA PHE F 15 18.58 23.16 -32.32
C PHE F 15 18.65 23.75 -30.91
N MET F 16 18.79 22.89 -29.90
CA MET F 16 18.86 23.34 -28.52
C MET F 16 20.29 23.58 -28.04
N ARG F 17 21.30 23.27 -28.86
CA ARG F 17 22.68 23.48 -28.46
C ARG F 17 22.97 24.94 -28.13
N PRO F 18 22.60 25.93 -28.95
CA PRO F 18 22.78 27.33 -28.51
C PRO F 18 22.04 27.62 -27.22
N ILE F 19 20.85 27.06 -27.06
CA ILE F 19 20.10 27.28 -25.82
C ILE F 19 20.81 26.61 -24.64
N VAL F 20 21.41 25.44 -24.85
CA VAL F 20 22.13 24.78 -23.78
C VAL F 20 23.34 25.60 -23.35
N LEU F 21 24.11 26.10 -24.32
CA LEU F 21 25.29 26.88 -23.98
C LEU F 21 24.92 28.26 -23.42
N LYS F 22 23.75 28.79 -23.76
CA LYS F 22 23.30 30.03 -23.13
C LYS F 22 22.80 29.79 -21.72
N LEU F 23 22.17 28.64 -21.48
CA LEU F 23 21.82 28.26 -20.11
C LEU F 23 23.07 28.10 -19.26
N LEU F 24 24.10 27.49 -19.82
CA LEU F 24 25.42 27.53 -19.20
C LEU F 24 25.99 28.94 -19.32
N ARG F 25 27.01 29.22 -18.52
CA ARG F 25 27.76 30.48 -18.53
C ARG F 25 26.93 31.67 -18.07
N GLN F 26 25.66 31.45 -17.66
CA GLN F 26 24.78 32.51 -17.19
C GLN F 26 24.54 33.57 -18.27
N GLU F 27 23.98 33.12 -19.38
CA GLU F 27 23.59 33.99 -20.48
C GLU F 27 22.07 34.09 -20.51
N SER F 28 21.56 35.31 -20.72
CA SER F 28 20.12 35.55 -20.67
C SER F 28 19.39 34.72 -21.72
N VAL F 29 18.33 34.04 -21.29
CA VAL F 29 17.50 33.22 -22.15
C VAL F 29 16.04 33.53 -21.85
N THR F 30 15.24 33.71 -22.90
CA THR F 30 13.84 34.00 -22.71
C THR F 30 13.08 32.76 -22.26
N LYS F 31 11.91 32.98 -21.67
CA LYS F 31 11.10 31.87 -21.17
C LYS F 31 10.60 31.00 -22.30
N GLN F 32 10.26 31.61 -23.45
CA GLN F 32 9.74 30.84 -24.56
C GLN F 32 10.79 29.84 -25.05
N GLN F 33 12.05 30.25 -25.07
CA GLN F 33 13.13 29.31 -25.39
C GLN F 33 13.19 28.17 -24.37
N TRP F 34 12.96 28.48 -23.10
CA TRP F 34 12.95 27.44 -22.07
C TRP F 34 11.85 26.41 -22.34
N PHE F 35 10.66 26.88 -22.66
CA PHE F 35 9.56 25.96 -22.95
C PHE F 35 9.83 25.14 -24.20
N ASP F 36 10.42 25.77 -25.23
CA ASP F 36 10.79 25.04 -26.43
C ASP F 36 11.82 23.96 -26.13
N LEU F 37 12.82 24.28 -25.30
CA LEU F 37 13.84 23.29 -24.95
C LEU F 37 13.22 22.14 -24.15
N PHE F 38 12.29 22.46 -23.26
CA PHE F 38 11.58 21.41 -22.52
C PHE F 38 10.88 20.46 -23.48
N SER F 39 10.15 21.02 -24.45
CA SER F 39 9.44 20.19 -25.42
C SER F 39 10.41 19.35 -26.25
N ASP F 40 11.52 19.95 -26.69
CA ASP F 40 12.48 19.21 -27.51
C ASP F 40 13.13 18.08 -26.72
N VAL F 41 13.48 18.34 -25.46
CA VAL F 41 14.06 17.29 -24.62
C VAL F 41 13.08 16.14 -24.43
N HIS F 42 11.81 16.47 -24.18
CA HIS F 42 10.81 15.41 -24.03
C HIS F 42 10.66 14.61 -25.31
N ALA F 43 10.60 15.28 -26.46
CA ALA F 43 10.43 14.58 -27.72
C ALA F 43 11.62 13.67 -28.00
N VAL F 44 12.83 14.15 -27.72
CA VAL F 44 14.02 13.33 -27.93
C VAL F 44 13.99 12.11 -27.02
N CYS F 45 13.67 12.32 -25.74
CA CYS F 45 13.67 11.21 -24.79
C CYS F 45 12.52 10.24 -25.03
N LEU F 46 11.48 10.65 -25.75
CA LEU F 46 10.32 9.80 -25.98
C LEU F 46 10.37 9.05 -27.30
N TRP F 47 10.68 9.73 -28.41
CA TRP F 47 10.45 9.14 -29.73
C TRP F 47 11.36 7.95 -30.00
N ASP F 48 12.63 8.02 -29.62
CA ASP F 48 13.55 6.92 -29.83
C ASP F 48 14.17 6.38 -28.55
N ASP F 49 13.97 7.03 -27.41
CA ASP F 49 14.36 6.60 -26.07
C ASP F 49 15.87 6.59 -25.84
N LYS F 50 16.68 6.91 -26.84
CA LYS F 50 18.12 6.97 -26.62
C LYS F 50 18.52 8.34 -26.06
N GLY F 51 17.85 8.74 -24.99
CA GLY F 51 18.11 10.01 -24.37
C GLY F 51 19.11 9.92 -23.23
N PRO F 52 18.83 9.09 -22.21
CA PRO F 52 19.74 8.98 -21.06
C PRO F 52 21.14 8.49 -21.42
N ALA F 53 21.39 8.24 -22.71
CA ALA F 53 22.72 7.88 -23.19
C ALA F 53 23.31 8.96 -24.09
N LYS F 54 22.61 9.33 -25.17
CA LYS F 54 23.15 10.34 -26.09
C LYS F 54 23.09 11.73 -25.47
N ILE F 55 21.96 12.08 -24.84
CA ILE F 55 21.92 13.34 -24.09
C ILE F 55 22.95 13.33 -22.97
N HIS F 56 23.14 12.17 -22.34
CA HIS F 56 24.14 12.06 -21.29
C HIS F 56 25.53 12.39 -21.80
N GLN F 57 25.93 11.78 -22.91
CA GLN F 57 27.26 12.01 -23.47
C GLN F 57 27.39 13.46 -23.92
N ALA F 58 26.35 14.01 -24.54
CA ALA F 58 26.41 15.38 -25.01
C ALA F 58 26.57 16.36 -23.86
N LEU F 59 25.80 16.17 -22.78
CA LEU F 59 25.92 17.05 -21.63
C LEU F 59 27.27 16.89 -20.94
N LYS F 60 27.77 15.65 -20.85
CA LYS F 60 29.08 15.44 -20.24
C LYS F 60 30.18 16.14 -21.02
N GLU F 61 30.17 15.99 -22.35
CA GLU F 61 31.20 16.66 -23.15
C GLU F 61 31.04 18.18 -23.10
N ASP F 62 29.80 18.67 -23.04
CA ASP F 62 29.59 20.12 -22.95
C ASP F 62 30.13 20.68 -21.64
N ILE F 63 29.83 20.01 -20.52
CA ILE F 63 30.31 20.51 -19.24
C ILE F 63 31.83 20.37 -19.14
N LEU F 64 32.39 19.29 -19.70
CA LEU F 64 33.85 19.16 -19.71
C LEU F 64 34.50 20.25 -20.55
N GLU F 65 33.92 20.57 -21.70
CA GLU F 65 34.46 21.63 -22.54
C GLU F 65 34.37 22.98 -21.83
N PHE F 66 33.25 23.24 -21.14
CA PHE F 66 33.14 24.48 -20.39
C PHE F 66 34.15 24.54 -19.25
N ILE F 67 34.39 23.41 -18.58
CA ILE F 67 35.38 23.38 -17.50
C ILE F 67 36.77 23.63 -18.06
N LYS F 68 37.09 23.05 -19.22
CA LYS F 68 38.38 23.30 -19.84
C LYS F 68 38.55 24.75 -20.24
N GLN F 69 37.48 25.36 -20.78
CA GLN F 69 37.52 26.78 -21.11
C GLN F 69 37.71 27.63 -19.85
N ALA F 70 37.07 27.24 -18.75
CA ALA F 70 37.26 27.95 -17.50
C ALA F 70 38.70 27.84 -17.02
N GLN F 71 39.29 26.65 -17.12
CA GLN F 71 40.69 26.48 -16.75
C GLN F 71 41.59 27.35 -17.62
N ALA F 72 41.31 27.40 -18.92
CA ALA F 72 42.10 28.23 -19.82
C ALA F 72 41.97 29.71 -19.47
N ARG F 73 40.77 30.15 -19.09
CA ARG F 73 40.55 31.55 -18.76
C ARG F 73 41.05 31.92 -17.37
N VAL F 74 41.25 30.95 -16.48
CA VAL F 74 41.77 31.25 -15.16
C VAL F 74 43.28 31.06 -15.03
N LEU F 75 43.90 30.27 -15.93
CA LEU F 75 45.36 30.18 -15.89
C LEU F 75 46.01 31.50 -16.28
N SER F 76 45.29 32.38 -16.97
CA SER F 76 45.75 33.74 -17.18
C SER F 76 45.67 34.58 -15.91
N HIS F 77 45.10 34.05 -14.85
CA HIS F 77 44.99 34.74 -13.57
C HIS F 77 45.75 33.97 -12.51
N GLN F 78 46.98 33.58 -12.82
CA GLN F 78 47.77 32.72 -11.95
C GLN F 78 48.09 33.37 -10.61
N ASP F 79 47.91 34.69 -10.49
CA ASP F 79 48.11 35.36 -9.21
C ASP F 79 47.15 34.80 -8.18
N ASP F 80 47.63 34.67 -6.93
CA ASP F 80 46.85 34.02 -5.89
C ASP F 80 45.55 34.77 -5.61
N THR F 81 45.62 36.10 -5.52
CA THR F 81 44.41 36.89 -5.35
C THR F 81 43.52 36.78 -6.59
N ALA F 82 44.11 36.85 -7.77
CA ALA F 82 43.35 36.68 -9.00
C ALA F 82 42.73 35.29 -9.07
N LEU F 83 43.49 34.26 -8.67
CA LEU F 83 42.95 32.91 -8.66
C LEU F 83 41.78 32.80 -7.69
N LEU F 84 41.90 33.41 -6.52
CA LEU F 84 40.83 33.35 -5.52
C LEU F 84 39.56 34.05 -6.01
N LYS F 85 39.70 35.24 -6.59
CA LYS F 85 38.53 35.96 -7.06
C LYS F 85 37.89 35.24 -8.24
N ALA F 86 38.70 34.68 -9.15
CA ALA F 86 38.16 33.90 -10.25
C ALA F 86 37.43 32.67 -9.73
N TYR F 87 37.98 32.01 -8.72
CA TYR F 87 37.31 30.85 -8.12
C TYR F 87 35.99 31.27 -7.48
N ILE F 88 35.95 32.44 -6.85
CA ILE F 88 34.71 32.90 -6.22
C ILE F 88 33.63 33.12 -7.27
N VAL F 89 33.96 33.84 -8.33
CA VAL F 89 32.95 34.11 -9.36
C VAL F 89 32.55 32.82 -10.07
N GLU F 90 33.51 31.91 -10.28
CA GLU F 90 33.17 30.64 -10.91
C GLU F 90 32.32 29.78 -9.99
N TRP F 91 32.49 29.91 -8.67
CA TRP F 91 31.63 29.17 -7.75
C TRP F 91 30.22 29.73 -7.78
N ARG F 92 30.09 31.05 -7.93
CA ARG F 92 28.76 31.61 -8.19
C ARG F 92 28.15 31.01 -9.45
N LYS F 93 28.96 30.88 -10.51
CA LYS F 93 28.49 30.31 -11.76
C LYS F 93 28.03 28.86 -11.56
N PHE F 94 28.82 28.06 -10.85
CA PHE F 94 28.41 26.68 -10.58
C PHE F 94 27.15 26.62 -9.72
N PHE F 95 27.01 27.51 -8.75
CA PHE F 95 25.77 27.53 -7.97
C PHE F 95 24.57 27.78 -8.87
N THR F 96 24.65 28.81 -9.72
CA THR F 96 23.53 29.11 -10.60
C THR F 96 23.24 27.96 -11.56
N GLN F 97 24.30 27.37 -12.12
CA GLN F 97 24.09 26.30 -13.11
C GLN F 97 23.55 25.04 -12.45
N CYS F 98 24.06 24.68 -11.27
CA CYS F 98 23.50 23.54 -10.56
C CYS F 98 22.07 23.81 -10.13
N ASP F 99 21.69 25.08 -9.99
CA ASP F 99 20.31 25.39 -9.68
C ASP F 99 19.41 25.23 -10.90
N ILE F 100 19.85 25.69 -12.07
CA ILE F 100 18.96 25.84 -13.22
C ILE F 100 19.05 24.66 -14.19
N LEU F 101 20.25 24.16 -14.48
CA LEU F 101 20.41 23.14 -15.51
C LEU F 101 19.68 21.83 -15.24
N PRO F 102 19.68 21.26 -14.02
CA PRO F 102 19.04 19.94 -13.85
C PRO F 102 17.54 19.92 -14.13
N LYS F 103 16.86 21.06 -14.05
CA LYS F 103 15.41 21.06 -14.17
C LYS F 103 14.91 20.61 -15.54
N PRO F 104 15.43 21.14 -16.67
CA PRO F 104 14.88 20.70 -17.97
C PRO F 104 15.00 19.21 -18.23
N PHE F 105 16.03 18.55 -17.72
CA PHE F 105 16.21 17.12 -17.96
C PHE F 105 15.57 16.28 -16.85
N CYS F 106 14.29 16.54 -16.58
CA CYS F 106 13.55 15.74 -15.61
C CYS F 106 13.23 14.36 -16.16
N GLN F 107 12.99 14.25 -17.47
CA GLN F 107 12.64 12.96 -18.07
C GLN F 107 13.82 11.99 -18.09
N LEU F 108 15.04 12.47 -17.88
CA LEU F 108 16.18 11.57 -17.75
C LEU F 108 15.99 10.64 -16.56
N GLU F 109 15.54 11.19 -15.44
CA GLU F 109 15.23 10.36 -14.26
C GLU F 109 14.06 9.42 -14.54
N ILE F 110 13.04 9.90 -15.25
CA ILE F 110 11.87 9.07 -15.52
C ILE F 110 12.26 7.86 -16.36
N THR F 111 13.04 8.09 -17.41
CA THR F 111 13.46 6.98 -18.27
C THR F 111 14.50 6.11 -17.57
N LEU F 112 15.49 6.73 -16.95
CA LEU F 112 16.57 6.00 -16.30
C LEU F 112 17.12 6.78 -15.11
N SER F 127 18.00 15.48 -11.34
CA SER F 127 18.54 15.05 -12.63
C SER F 127 19.88 14.37 -12.47
N ILE F 128 20.40 13.80 -13.56
CA ILE F 128 21.77 13.27 -13.56
C ILE F 128 22.74 14.30 -14.12
N VAL F 129 22.26 15.31 -14.85
CA VAL F 129 23.16 16.33 -15.38
C VAL F 129 23.77 17.14 -14.25
N ARG F 130 23.05 17.32 -13.15
CA ARG F 130 23.60 18.06 -12.01
C ARG F 130 24.80 17.33 -11.42
N LYS F 131 24.68 16.01 -11.21
CA LYS F 131 25.81 15.27 -10.66
C LYS F 131 26.91 15.09 -11.70
N LEU F 132 26.54 15.05 -12.99
CA LEU F 132 27.55 15.04 -14.04
C LEU F 132 28.40 16.30 -13.98
N MET F 133 27.76 17.46 -13.87
CA MET F 133 28.49 18.71 -13.73
C MET F 133 29.29 18.74 -12.44
N LEU F 134 28.72 18.18 -11.36
CA LEU F 134 29.43 18.13 -10.09
C LEU F 134 30.73 17.35 -10.21
N ASP F 135 30.68 16.16 -10.80
CA ASP F 135 31.89 15.35 -10.92
C ASP F 135 32.87 15.96 -11.94
N THR F 136 32.35 16.58 -13.00
CA THR F 136 33.24 17.26 -13.94
C THR F 136 33.98 18.41 -13.28
N TRP F 137 33.28 19.19 -12.46
CA TRP F 137 33.92 20.28 -11.74
C TRP F 137 34.90 19.75 -10.69
N ASN F 138 34.57 18.64 -10.04
CA ASN F 138 35.48 18.03 -9.09
C ASN F 138 36.76 17.58 -9.77
N GLU F 139 36.64 16.95 -10.95
CA GLU F 139 37.82 16.50 -11.67
C GLU F 139 38.63 17.67 -12.20
N SER F 140 37.97 18.68 -12.77
CA SER F 140 38.67 19.77 -13.43
C SER F 140 39.30 20.75 -12.44
N ILE F 141 38.63 20.99 -11.31
CA ILE F 141 39.06 22.01 -10.35
C ILE F 141 39.50 21.37 -9.03
N PHE F 142 38.60 20.63 -8.37
CA PHE F 142 38.93 20.07 -7.07
C PHE F 142 40.08 19.08 -7.16
N SER F 143 40.09 18.23 -8.18
CA SER F 143 41.18 17.28 -8.36
C SER F 143 42.46 17.99 -8.76
N ASN F 144 42.37 18.97 -9.66
CA ASN F 144 43.56 19.68 -10.11
C ASN F 144 44.12 20.58 -9.01
N ILE F 145 43.25 21.27 -8.28
CA ILE F 145 43.70 22.17 -7.21
C ILE F 145 43.14 21.70 -5.88
N MET G 1 -20.42 19.62 -1.09
CA MET G 1 -19.57 19.66 -2.28
C MET G 1 -19.83 20.94 -3.07
N ASP G 2 -18.90 21.89 -2.97
CA ASP G 2 -19.07 23.18 -3.62
C ASP G 2 -19.01 23.04 -5.13
N VAL G 3 -19.73 23.93 -5.82
CA VAL G 3 -19.78 23.88 -7.28
C VAL G 3 -18.45 24.32 -7.86
N PHE G 4 -18.09 23.74 -9.01
CA PHE G 4 -16.84 24.03 -9.69
C PHE G 4 -17.16 24.55 -11.08
N LEU G 5 -16.52 25.66 -11.46
CA LEU G 5 -16.99 26.45 -12.58
C LEU G 5 -15.82 26.86 -13.47
N MET G 6 -16.12 27.07 -14.74
CA MET G 6 -15.19 27.62 -15.71
C MET G 6 -15.88 28.74 -16.50
N ILE G 7 -15.17 29.83 -16.71
CA ILE G 7 -15.70 31.02 -17.35
C ILE G 7 -14.98 31.21 -18.68
N ARG G 8 -15.75 31.28 -19.76
CA ARG G 8 -15.21 31.31 -21.12
C ARG G 8 -15.49 32.66 -21.75
N ARG G 9 -14.51 33.55 -21.68
CA ARG G 9 -14.55 34.86 -22.34
C ARG G 9 -13.70 34.76 -23.60
N HIS G 10 -14.35 34.40 -24.71
CA HIS G 10 -13.64 34.22 -25.97
C HIS G 10 -12.60 33.15 -25.85
N LYS G 11 -11.33 33.53 -25.86
CA LYS G 11 -10.24 32.59 -25.67
C LYS G 11 -10.07 32.21 -24.20
N THR G 12 -10.21 33.18 -23.31
CA THR G 12 -9.93 32.94 -21.89
C THR G 12 -10.90 31.93 -21.30
N THR G 13 -10.36 31.02 -20.49
CA THR G 13 -11.09 29.85 -19.98
C THR G 13 -10.84 29.67 -18.49
N ILE G 14 -11.08 30.73 -17.71
CA ILE G 14 -10.76 30.72 -16.28
C ILE G 14 -11.40 29.51 -15.61
N PHE G 15 -10.70 28.97 -14.61
CA PHE G 15 -11.19 27.88 -13.78
C PHE G 15 -11.23 28.33 -12.33
N THR G 16 -12.31 28.00 -11.61
CA THR G 16 -12.42 28.37 -10.21
C THR G 16 -13.52 27.54 -9.55
N ASP G 17 -13.79 27.86 -8.29
CA ASP G 17 -14.81 27.17 -7.51
C ASP G 17 -15.69 28.20 -6.79
N ALA G 18 -16.92 27.81 -6.49
CA ALA G 18 -17.87 28.67 -5.82
C ALA G 18 -18.79 27.81 -4.96
N LYS G 19 -19.53 28.47 -4.08
CA LYS G 19 -20.45 27.74 -3.20
C LYS G 19 -21.67 27.27 -3.99
N GLU G 20 -22.44 26.37 -3.36
CA GLU G 20 -23.60 25.79 -4.04
C GLU G 20 -24.64 26.86 -4.39
N SER G 21 -24.88 27.80 -3.47
CA SER G 21 -25.85 28.87 -3.67
C SER G 21 -25.21 30.22 -3.44
N SER G 22 -23.97 30.38 -3.86
CA SER G 22 -23.30 31.67 -3.74
C SER G 22 -23.88 32.67 -4.73
N THR G 23 -23.85 33.94 -4.34
CA THR G 23 -24.39 34.99 -5.20
C THR G 23 -23.45 35.26 -6.37
N VAL G 24 -24.00 35.89 -7.41
CA VAL G 24 -23.21 36.23 -8.59
C VAL G 24 -22.13 37.25 -8.24
N PHE G 25 -22.43 38.17 -7.32
CA PHE G 25 -21.43 39.14 -6.90
C PHE G 25 -20.23 38.46 -6.27
N GLU G 26 -20.48 37.44 -5.44
CA GLU G 26 -19.37 36.65 -4.90
C GLU G 26 -18.63 35.92 -6.01
N LEU G 27 -19.30 35.61 -7.12
CA LEU G 27 -18.62 34.99 -8.24
C LEU G 27 -17.72 35.98 -8.97
N LYS G 28 -18.12 37.24 -9.06
CA LYS G 28 -17.38 38.24 -9.83
C LYS G 28 -16.90 39.39 -8.97
N ARG G 29 -16.45 39.09 -7.76
CA ARG G 29 -15.90 40.12 -6.89
C ARG G 29 -14.40 40.18 -7.09
N ILE G 30 -13.71 39.13 -6.67
CA ILE G 30 -12.26 39.08 -6.84
C ILE G 30 -11.91 37.99 -7.84
N VAL G 31 -12.76 36.97 -7.94
CA VAL G 31 -12.51 35.88 -8.87
C VAL G 31 -12.39 36.43 -10.29
N GLU G 32 -13.32 37.31 -10.68
CA GLU G 32 -13.18 38.01 -11.95
C GLU G 32 -12.08 39.08 -11.90
N GLY G 33 -11.75 39.56 -10.70
CA GLY G 33 -10.70 40.55 -10.54
C GLY G 33 -9.33 40.06 -10.96
N ILE G 34 -9.16 38.75 -11.10
CA ILE G 34 -7.92 38.22 -11.65
C ILE G 34 -7.73 38.70 -13.08
N LEU G 35 -8.82 38.88 -13.82
CA LEU G 35 -8.79 39.48 -15.15
C LEU G 35 -8.62 41.00 -15.09
N LYS G 36 -8.36 41.55 -13.91
CA LYS G 36 -8.20 43.00 -13.72
C LYS G 36 -9.44 43.76 -14.14
N ARG G 37 -10.61 43.19 -13.83
CA ARG G 37 -11.90 43.82 -14.16
C ARG G 37 -12.73 43.95 -12.88
N PRO G 38 -13.23 45.14 -12.58
CA PRO G 38 -14.10 45.30 -11.41
C PRO G 38 -15.48 44.74 -11.70
N PRO G 39 -16.32 44.59 -10.67
CA PRO G 39 -17.71 44.17 -10.94
C PRO G 39 -18.44 45.12 -11.87
N ASP G 40 -18.12 46.40 -11.84
CA ASP G 40 -18.69 47.35 -12.79
C ASP G 40 -18.23 47.01 -14.20
N GLU G 41 -19.10 47.30 -15.18
CA GLU G 41 -18.85 47.00 -16.58
C GLU G 41 -18.60 45.51 -16.80
N GLN G 42 -19.34 44.68 -16.07
CA GLN G 42 -19.24 43.24 -16.20
C GLN G 42 -20.55 42.61 -15.79
N ARG G 43 -21.00 41.62 -16.58
CA ARG G 43 -22.24 40.91 -16.31
C ARG G 43 -22.12 39.47 -16.75
N LEU G 44 -22.45 38.55 -15.84
CA LEU G 44 -22.35 37.13 -16.12
C LEU G 44 -23.49 36.66 -17.00
N TYR G 45 -23.23 35.62 -17.78
CA TYR G 45 -24.24 34.98 -18.61
C TYR G 45 -24.23 33.48 -18.33
N LYS G 46 -25.32 32.82 -18.71
CA LYS G 46 -25.43 31.37 -18.48
C LYS G 46 -26.34 30.80 -19.56
N ASP G 47 -25.76 30.03 -20.49
CA ASP G 47 -26.50 29.41 -21.58
C ASP G 47 -27.32 30.44 -22.35
N ASP G 48 -28.64 30.35 -22.24
CA ASP G 48 -29.54 31.28 -22.91
C ASP G 48 -30.26 32.22 -21.96
N GLN G 49 -30.34 31.90 -20.67
CA GLN G 49 -31.02 32.77 -19.72
C GLN G 49 -30.28 34.09 -19.50
N LEU G 50 -28.98 34.13 -19.81
CA LEU G 50 -28.12 35.30 -19.74
C LEU G 50 -27.88 35.79 -18.32
N LEU G 51 -28.53 35.19 -17.31
CA LEU G 51 -28.25 35.44 -15.91
C LEU G 51 -28.55 36.88 -15.50
N ASP G 52 -29.03 37.69 -16.45
CA ASP G 52 -29.29 39.12 -16.23
C ASP G 52 -27.99 39.74 -15.75
N ASP G 53 -27.99 40.51 -14.65
CA ASP G 53 -26.77 41.14 -14.15
C ASP G 53 -26.14 40.34 -13.02
N GLY G 54 -26.89 40.10 -11.95
CA GLY G 54 -26.34 39.35 -10.83
C GLY G 54 -27.23 39.46 -9.61
N LYS G 55 -26.66 39.06 -8.47
CA LYS G 55 -27.24 39.08 -7.13
C LYS G 55 -28.36 38.05 -6.98
N THR G 56 -28.76 37.36 -8.05
CA THR G 56 -29.84 36.38 -7.99
C THR G 56 -29.23 34.98 -8.00
N LEU G 57 -28.94 34.47 -6.81
CA LEU G 57 -28.36 33.14 -6.67
C LEU G 57 -29.35 32.02 -6.95
N GLY G 58 -30.64 32.33 -7.10
CA GLY G 58 -31.63 31.33 -7.40
C GLY G 58 -31.41 30.64 -8.73
N GLU G 59 -31.48 31.41 -9.82
CA GLU G 59 -31.18 30.85 -11.13
C GLU G 59 -29.71 30.47 -11.25
N CYS G 60 -28.82 31.20 -10.57
CA CYS G 60 -27.40 30.92 -10.60
C CYS G 60 -27.00 29.78 -9.67
N GLY G 61 -27.93 29.26 -8.87
CA GLY G 61 -27.62 28.17 -7.97
C GLY G 61 -27.59 26.84 -8.68
N PHE G 62 -26.56 26.60 -9.49
CA PHE G 62 -26.41 25.32 -10.16
C PHE G 62 -26.21 24.21 -9.15
N THR G 63 -26.92 23.11 -9.35
CA THR G 63 -26.82 21.98 -8.44
C THR G 63 -25.41 21.39 -8.50
N SER G 64 -24.95 20.85 -7.37
CA SER G 64 -23.61 20.30 -7.30
C SER G 64 -23.43 19.16 -8.30
N GLN G 65 -24.43 18.29 -8.44
CA GLN G 65 -24.33 17.17 -9.36
C GLN G 65 -24.31 17.62 -10.82
N THR G 66 -24.84 18.81 -11.12
CA THR G 66 -24.85 19.29 -12.49
C THR G 66 -23.52 19.88 -12.93
N ALA G 67 -22.63 20.19 -11.99
CA ALA G 67 -21.32 20.77 -12.30
C ALA G 67 -20.29 20.10 -11.41
N ARG G 68 -19.64 19.08 -11.93
CA ARG G 68 -18.61 18.30 -11.26
C ARG G 68 -17.24 18.78 -11.68
N PRO G 69 -16.20 18.54 -10.88
CA PRO G 69 -14.84 18.88 -11.34
C PRO G 69 -14.45 18.12 -12.59
N GLN G 70 -14.99 16.92 -12.78
CA GLN G 70 -14.69 16.15 -13.99
C GLN G 70 -15.28 16.81 -15.23
N ALA G 71 -16.49 17.33 -15.13
CA ALA G 71 -17.16 18.02 -16.24
C ALA G 71 -17.76 19.33 -15.75
N PRO G 72 -16.93 20.35 -15.49
CA PRO G 72 -17.46 21.64 -15.08
C PRO G 72 -18.29 22.28 -16.18
N ALA G 73 -19.29 23.06 -15.76
CA ALA G 73 -20.24 23.68 -16.68
C ALA G 73 -19.76 25.07 -17.09
N THR G 74 -19.89 25.35 -18.39
CA THR G 74 -19.45 26.63 -18.92
C THR G 74 -20.38 27.76 -18.48
N VAL G 75 -19.88 28.99 -18.56
CA VAL G 75 -20.63 30.16 -18.14
C VAL G 75 -20.77 31.15 -19.30
N GLY G 76 -19.63 31.59 -19.83
CA GLY G 76 -19.64 32.59 -20.88
C GLY G 76 -19.53 34.00 -20.34
N LEU G 77 -19.08 34.90 -21.20
CA LEU G 77 -18.90 36.30 -20.82
C LEU G 77 -18.81 37.13 -22.09
N ALA G 78 -19.12 38.42 -21.95
CA ALA G 78 -19.04 39.36 -23.05
C ALA G 78 -19.00 40.80 -22.53
N CYS G 89 -19.25 36.46 -26.79
CA CYS G 89 -19.04 35.30 -27.67
C CYS G 89 -18.01 34.35 -27.06
N ILE G 90 -18.00 33.11 -27.55
CA ILE G 90 -17.06 32.10 -27.09
C ILE G 90 -16.39 31.47 -28.30
N GLU G 91 -15.18 30.94 -28.09
CA GLU G 91 -14.44 30.27 -29.14
C GLU G 91 -14.41 28.77 -28.87
N PRO G 92 -15.02 27.94 -29.70
CA PRO G 92 -15.06 26.50 -29.43
C PRO G 92 -13.67 25.88 -29.42
N PHE G 93 -13.52 24.82 -28.62
CA PHE G 93 -12.26 24.10 -28.57
C PHE G 93 -11.95 23.45 -29.91
N SER G 94 -10.66 23.30 -30.19
CA SER G 94 -10.24 22.65 -31.42
C SER G 94 -10.47 21.13 -31.32
N SER G 95 -10.38 20.47 -32.47
CA SER G 95 -10.58 19.03 -32.54
C SER G 95 -9.46 18.39 -33.33
N PRO G 96 -9.09 17.14 -33.00
CA PRO G 96 -8.04 16.41 -33.72
C PRO G 96 -8.41 16.17 -35.18
N MET H 1 -2.10 34.97 -8.14
CA MET H 1 -1.47 33.68 -7.88
C MET H 1 -1.87 32.65 -8.94
N TYR H 2 -2.94 32.94 -9.65
CA TYR H 2 -3.44 32.02 -10.66
C TYR H 2 -2.50 32.00 -11.86
N VAL H 3 -2.06 30.81 -12.27
CA VAL H 3 -1.24 30.69 -13.45
C VAL H 3 -2.13 30.66 -14.69
N LYS H 4 -1.51 30.95 -15.84
CA LYS H 4 -2.22 31.11 -17.11
C LYS H 4 -1.51 30.24 -18.15
N LEU H 5 -1.92 28.98 -18.26
CA LEU H 5 -1.29 28.08 -19.21
C LEU H 5 -1.83 28.37 -20.61
N ILE H 6 -0.94 28.66 -21.55
CA ILE H 6 -1.33 28.94 -22.92
C ILE H 6 -1.06 27.70 -23.76
N SER H 7 -2.07 27.24 -24.49
CA SER H 7 -1.92 26.06 -25.33
C SER H 7 -1.28 26.44 -26.66
N SER H 8 -1.17 25.45 -27.54
CA SER H 8 -0.58 25.69 -28.86
C SER H 8 -1.49 26.49 -29.78
N ASP H 9 -2.79 26.51 -29.52
CA ASP H 9 -3.74 27.27 -30.31
C ASP H 9 -3.98 28.67 -29.77
N GLY H 10 -3.26 29.06 -28.71
CA GLY H 10 -3.47 30.35 -28.08
C GLY H 10 -4.55 30.37 -27.03
N HIS H 11 -5.23 29.25 -26.78
CA HIS H 11 -6.31 29.22 -25.80
C HIS H 11 -5.73 29.26 -24.40
N GLU H 12 -5.98 30.35 -23.68
CA GLU H 12 -5.41 30.55 -22.35
C GLU H 12 -6.33 29.97 -21.30
N PHE H 13 -5.84 28.97 -20.58
CA PHE H 13 -6.56 28.36 -19.46
C PHE H 13 -5.95 28.90 -18.17
N ILE H 14 -6.73 29.67 -17.42
CA ILE H 14 -6.29 30.21 -16.15
C ILE H 14 -6.71 29.24 -15.07
N VAL H 15 -5.75 28.79 -14.25
CA VAL H 15 -6.02 27.82 -13.21
C VAL H 15 -5.27 28.23 -11.95
N LYS H 16 -5.74 27.73 -10.81
CA LYS H 16 -5.07 28.00 -9.54
C LYS H 16 -3.66 27.42 -9.56
N ARG H 17 -2.73 28.11 -8.91
CA ARG H 17 -1.34 27.67 -8.94
C ARG H 17 -1.20 26.30 -8.27
N GLU H 18 -1.87 26.09 -7.14
CA GLU H 18 -1.77 24.82 -6.45
C GLU H 18 -2.41 23.68 -7.23
N HIS H 19 -3.36 23.98 -8.12
CA HIS H 19 -3.91 22.94 -8.98
C HIS H 19 -2.95 22.59 -10.10
N ALA H 20 -2.28 23.58 -10.69
CA ALA H 20 -1.32 23.34 -11.76
C ALA H 20 0.03 22.87 -11.24
N LEU H 21 0.25 22.86 -9.93
CA LEU H 21 1.46 22.32 -9.36
C LEU H 21 1.41 20.80 -9.21
N THR H 22 0.31 20.18 -9.61
CA THR H 22 0.19 18.72 -9.54
C THR H 22 1.25 18.05 -10.41
N SER H 23 1.42 18.52 -11.64
CA SER H 23 2.40 17.94 -12.54
C SER H 23 3.77 18.53 -12.26
N GLY H 24 4.78 17.67 -12.11
CA GLY H 24 6.11 18.14 -11.82
C GLY H 24 6.73 18.93 -12.95
N THR H 25 6.29 18.68 -14.18
CA THR H 25 6.80 19.44 -15.31
C THR H 25 6.52 20.91 -15.16
N ILE H 26 5.29 21.26 -14.77
CA ILE H 26 4.93 22.67 -14.59
C ILE H 26 5.70 23.26 -13.42
N LYS H 27 5.82 22.50 -12.32
CA LYS H 27 6.51 23.01 -11.14
C LYS H 27 7.97 23.31 -11.45
N ALA H 28 8.63 22.47 -12.24
CA ALA H 28 10.00 22.73 -12.65
C ALA H 28 10.09 23.81 -13.72
N MET H 29 9.06 23.92 -14.57
CA MET H 29 9.12 24.84 -15.69
C MET H 29 8.94 26.29 -15.24
N LEU H 30 8.04 26.52 -14.27
CA LEU H 30 7.76 27.88 -13.85
C LEU H 30 8.93 28.49 -13.10
N SER H 31 9.50 27.75 -12.15
CA SER H 31 10.55 28.29 -11.29
C SER H 31 11.91 28.24 -12.00
N GLY H 32 12.60 29.38 -12.01
CA GLY H 32 13.90 29.47 -12.63
C GLY H 32 14.02 30.71 -13.50
N PRO H 33 14.97 30.68 -14.46
CA PRO H 33 15.15 31.78 -15.41
C PRO H 33 14.30 31.60 -16.66
N ASN H 42 2.92 33.14 -12.81
CA ASN H 42 3.45 33.67 -14.05
C ASN H 42 2.58 33.27 -15.23
N GLU H 43 3.19 32.60 -16.21
CA GLU H 43 2.49 32.20 -17.43
C GLU H 43 3.31 31.16 -18.18
N VAL H 44 2.68 30.08 -18.60
CA VAL H 44 3.37 28.95 -19.23
C VAL H 44 2.79 28.75 -20.62
N ASN H 45 3.65 28.73 -21.62
CA ASN H 45 3.26 28.50 -23.01
C ASN H 45 3.62 27.07 -23.40
N PHE H 46 2.83 26.51 -24.32
CA PHE H 46 3.05 25.16 -24.83
C PHE H 46 3.10 25.20 -26.35
N ARG H 47 3.86 24.26 -26.92
CA ARG H 47 4.04 24.20 -28.36
C ARG H 47 3.34 23.01 -29.01
N GLU H 48 2.85 22.05 -28.24
CA GLU H 48 2.23 20.85 -28.80
C GLU H 48 0.84 20.58 -28.27
N ILE H 49 0.59 20.84 -27.00
CA ILE H 49 -0.69 20.50 -26.37
C ILE H 49 -1.79 21.39 -26.94
N PRO H 50 -2.82 20.81 -27.56
CA PRO H 50 -3.94 21.62 -28.04
C PRO H 50 -4.90 21.97 -26.92
N SER H 51 -5.87 22.82 -27.26
CA SER H 51 -6.81 23.33 -26.26
C SER H 51 -7.68 22.22 -25.68
N HIS H 52 -8.17 21.33 -26.54
CA HIS H 52 -9.09 20.28 -26.09
C HIS H 52 -8.40 19.21 -25.26
N VAL H 53 -7.10 19.33 -25.00
CA VAL H 53 -6.37 18.42 -24.15
C VAL H 53 -5.81 19.11 -22.92
N LEU H 54 -5.32 20.35 -23.07
CA LEU H 54 -4.98 21.15 -21.91
C LEU H 54 -6.21 21.40 -21.04
N SER H 55 -7.39 21.52 -21.66
CA SER H 55 -8.61 21.65 -20.88
C SER H 55 -8.84 20.41 -20.02
N LYS H 56 -8.64 19.22 -20.58
CA LYS H 56 -8.80 18.00 -19.80
C LYS H 56 -7.73 17.89 -18.72
N VAL H 57 -6.52 18.36 -19.00
CA VAL H 57 -5.47 18.33 -17.98
C VAL H 57 -5.84 19.23 -16.81
N CYS H 58 -6.37 20.43 -17.09
CA CYS H 58 -6.80 21.31 -16.01
C CYS H 58 -7.99 20.72 -15.25
N MET H 59 -8.93 20.11 -15.98
CA MET H 59 -10.04 19.44 -15.33
C MET H 59 -9.55 18.34 -14.39
N TYR H 60 -8.55 17.58 -14.83
CA TYR H 60 -7.99 16.54 -13.97
C TYR H 60 -7.25 17.14 -12.78
N PHE H 61 -6.59 18.29 -12.99
CA PHE H 61 -5.96 18.97 -11.85
C PHE H 61 -6.99 19.27 -10.78
N THR H 62 -8.10 19.87 -11.17
CA THR H 62 -9.16 20.19 -10.22
C THR H 62 -9.73 18.92 -9.59
N TYR H 63 -10.00 17.91 -10.41
CA TYR H 63 -10.61 16.68 -9.93
C TYR H 63 -9.72 15.96 -8.92
N LYS H 64 -8.41 15.91 -9.20
CA LYS H 64 -7.50 15.23 -8.28
C LYS H 64 -7.29 16.04 -7.02
N VAL H 65 -7.13 17.36 -7.14
CA VAL H 65 -6.94 18.17 -5.94
C VAL H 65 -8.20 18.19 -5.07
N ARG H 66 -9.36 17.87 -5.65
CA ARG H 66 -10.57 17.78 -4.85
C ARG H 66 -10.77 16.39 -4.26
N TYR H 67 -10.54 15.33 -5.04
CA TYR H 67 -10.90 13.98 -4.64
C TYR H 67 -9.75 13.17 -4.07
N THR H 68 -8.53 13.73 -4.02
CA THR H 68 -7.44 13.01 -3.38
C THR H 68 -7.68 12.85 -1.88
N ASN H 69 -8.23 13.89 -1.25
CA ASN H 69 -8.51 13.82 0.18
C ASN H 69 -9.63 12.82 0.48
N SER H 70 -10.61 12.70 -0.42
CA SER H 70 -11.73 11.79 -0.20
C SER H 70 -11.23 10.34 -0.19
N SER H 71 -11.88 9.53 0.65
CA SER H 71 -11.49 8.13 0.82
C SER H 71 -12.68 7.18 0.71
N THR H 72 -13.86 7.67 0.36
CA THR H 72 -15.05 6.85 0.27
C THR H 72 -15.57 6.71 -1.15
N GLU H 73 -15.85 7.84 -1.82
CA GLU H 73 -16.37 7.82 -3.19
C GLU H 73 -15.39 8.53 -4.11
N ILE H 74 -15.07 7.88 -5.23
CA ILE H 74 -14.18 8.44 -6.24
C ILE H 74 -14.85 8.29 -7.60
N PRO H 75 -15.64 9.26 -8.06
CA PRO H 75 -16.28 9.14 -9.37
C PRO H 75 -15.26 9.07 -10.49
N GLU H 76 -15.59 8.31 -11.52
CA GLU H 76 -14.67 8.08 -12.62
C GLU H 76 -14.53 9.33 -13.48
N PHE H 77 -13.30 9.57 -13.96
CA PHE H 77 -13.05 10.68 -14.86
C PHE H 77 -13.52 10.32 -16.26
N PRO H 78 -14.46 11.06 -16.85
CA PRO H 78 -14.95 10.71 -18.18
C PRO H 78 -13.96 11.06 -19.27
N ILE H 79 -13.28 10.05 -19.81
CA ILE H 79 -12.27 10.24 -20.86
C ILE H 79 -12.82 9.64 -22.14
N ALA H 80 -12.91 10.45 -23.18
CA ALA H 80 -13.35 9.96 -24.47
C ALA H 80 -12.23 9.13 -25.10
N PRO H 81 -12.45 7.84 -25.38
CA PRO H 81 -11.34 7.01 -25.89
C PRO H 81 -10.75 7.51 -27.19
N GLU H 82 -11.56 8.05 -28.11
CA GLU H 82 -11.05 8.46 -29.41
C GLU H 82 -10.00 9.56 -29.30
N ILE H 83 -9.98 10.30 -28.20
CA ILE H 83 -8.93 11.28 -27.94
C ILE H 83 -7.97 10.82 -26.85
N ALA H 84 -8.32 9.77 -26.09
CA ALA H 84 -7.55 9.41 -24.90
C ALA H 84 -6.08 9.20 -25.23
N LEU H 85 -5.80 8.50 -26.33
CA LEU H 85 -4.41 8.27 -26.72
C LEU H 85 -3.65 9.57 -26.80
N GLU H 86 -4.19 10.55 -27.54
CA GLU H 86 -3.51 11.83 -27.64
C GLU H 86 -3.40 12.45 -26.26
N LEU H 87 -4.48 12.40 -25.48
CA LEU H 87 -4.43 12.89 -24.11
C LEU H 87 -3.29 12.26 -23.34
N LEU H 88 -3.10 10.94 -23.52
CA LEU H 88 -2.03 10.25 -22.83
C LEU H 88 -0.70 10.94 -23.06
N MET H 89 -0.42 11.29 -24.32
CA MET H 89 0.84 11.93 -24.64
C MET H 89 1.02 13.19 -23.81
N ALA H 90 -0.01 14.03 -23.74
CA ALA H 90 0.08 15.25 -22.95
C ALA H 90 0.35 14.92 -21.49
N ALA H 91 -0.34 13.91 -20.95
CA ALA H 91 -0.07 13.51 -19.57
C ALA H 91 1.37 13.06 -19.42
N ASN H 92 1.89 12.33 -20.41
CA ASN H 92 3.28 11.89 -20.34
C ASN H 92 4.23 13.08 -20.36
N PHE H 93 3.83 14.18 -21.00
CA PHE H 93 4.66 15.38 -20.94
C PHE H 93 4.65 16.00 -19.55
N LEU H 94 3.52 15.89 -18.84
CA LEU H 94 3.36 16.63 -17.59
C LEU H 94 3.72 15.79 -16.37
N ASP H 95 3.00 14.69 -16.15
CA ASP H 95 3.23 13.87 -14.96
C ASP H 95 4.45 12.99 -15.14
#